data_5O1Q
#
_entry.id   5O1Q
#
_entity_poly.entity_id   1
_entity_poly.type   'polypeptide(L)'
_entity_poly.pdbx_seq_one_letter_code
;ETPATRPVTGSWKKNQYGTWYKPENATFVNGNQPIVTRIGSPFLNAPVGGNLPAGATIVYDEVCIQAGHIWIGYNAYNGN
RVYCPVRTCQGVPPNQIPGVAWGVFK
;
_entity_poly.pdbx_strand_id   A
#
# COMPACT_ATOMS: atom_id res chain seq x y z
N GLU A 1 15.76 12.41 1.03
CA GLU A 1 14.99 11.17 1.04
C GLU A 1 14.17 11.12 2.33
N THR A 2 14.86 10.97 3.43
CA THR A 2 14.29 10.91 4.77
C THR A 2 13.40 9.64 4.99
N PRO A 3 14.05 8.49 5.21
CA PRO A 3 13.41 7.26 5.62
C PRO A 3 13.81 6.95 7.07
N ALA A 4 13.80 5.70 7.45
CA ALA A 4 14.31 5.30 8.73
C ALA A 4 15.81 5.07 8.56
N THR A 5 16.61 5.80 9.30
CA THR A 5 18.05 5.77 9.16
C THR A 5 18.66 4.45 9.66
N ARG A 6 18.22 4.01 10.82
CA ARG A 6 18.75 2.79 11.42
C ARG A 6 18.12 1.57 10.78
N PRO A 7 18.83 0.42 10.77
CA PRO A 7 18.26 -0.84 10.32
C PRO A 7 17.15 -1.26 11.26
N VAL A 8 15.94 -1.13 10.80
CA VAL A 8 14.80 -1.36 11.62
C VAL A 8 13.74 -2.12 10.84
N THR A 9 13.05 -3.03 11.54
CA THR A 9 11.93 -3.83 11.03
C THR A 9 12.17 -4.74 9.79
N GLY A 10 13.35 -4.63 9.19
CA GLY A 10 13.73 -5.49 8.10
C GLY A 10 13.02 -5.16 6.81
N SER A 11 11.98 -5.91 6.53
CA SER A 11 11.18 -5.75 5.34
C SER A 11 10.52 -4.38 5.34
N TRP A 12 9.76 -4.12 6.36
CA TRP A 12 9.05 -2.87 6.49
C TRP A 12 9.97 -1.85 7.06
N LYS A 13 9.80 -0.64 6.66
CA LYS A 13 10.55 0.50 7.14
C LYS A 13 9.62 1.69 7.12
N LYS A 14 9.84 2.67 7.96
CA LYS A 14 8.94 3.79 8.00
C LYS A 14 9.56 5.00 7.32
N ASN A 15 8.77 5.70 6.54
CA ASN A 15 9.23 6.88 5.83
C ASN A 15 8.99 8.15 6.66
N GLN A 16 9.34 9.28 6.06
CA GLN A 16 9.23 10.60 6.69
C GLN A 16 7.81 10.94 7.18
N TYR A 17 6.80 10.41 6.49
CA TYR A 17 5.40 10.72 6.82
C TYR A 17 4.89 9.87 7.95
N GLY A 18 5.68 8.90 8.37
CA GLY A 18 5.26 7.99 9.40
C GLY A 18 4.48 6.85 8.81
N THR A 19 4.65 6.66 7.53
CA THR A 19 4.03 5.59 6.81
C THR A 19 5.02 4.44 6.72
N TRP A 20 4.57 3.26 7.03
CA TRP A 20 5.40 2.11 6.93
C TRP A 20 5.28 1.59 5.53
N TYR A 21 6.37 1.26 4.93
CA TYR A 21 6.37 0.80 3.59
C TYR A 21 7.40 -0.30 3.43
N LYS A 22 7.32 -0.96 2.33
CA LYS A 22 8.31 -1.89 1.92
C LYS A 22 8.29 -1.95 0.42
N PRO A 23 9.44 -2.01 -0.19
CA PRO A 23 9.56 -2.17 -1.63
C PRO A 23 9.28 -3.62 -2.01
N GLU A 24 8.21 -3.84 -2.70
CA GLU A 24 7.84 -5.17 -3.07
C GLU A 24 7.17 -5.13 -4.43
N ASN A 25 7.69 -5.88 -5.36
CA ASN A 25 7.16 -5.85 -6.70
C ASN A 25 6.30 -7.06 -6.90
N ALA A 26 5.02 -6.84 -6.92
CA ALA A 26 4.09 -7.93 -7.04
C ALA A 26 2.90 -7.51 -7.85
N THR A 27 2.12 -8.46 -8.23
CA THR A 27 0.94 -8.21 -8.97
C THR A 27 -0.28 -8.40 -8.08
N PHE A 28 -1.03 -7.37 -7.93
CA PHE A 28 -2.22 -7.39 -7.17
C PHE A 28 -3.38 -7.54 -8.11
N VAL A 29 -4.04 -8.64 -7.97
CA VAL A 29 -5.20 -8.92 -8.76
C VAL A 29 -6.37 -8.54 -7.93
N ASN A 30 -7.05 -7.50 -8.31
CA ASN A 30 -8.20 -7.04 -7.54
C ASN A 30 -9.32 -8.08 -7.63
N GLY A 31 -9.98 -8.30 -6.52
CA GLY A 31 -10.99 -9.31 -6.44
C GLY A 31 -12.29 -8.93 -7.11
N ASN A 32 -13.36 -8.99 -6.36
CA ASN A 32 -14.69 -8.82 -6.93
C ASN A 32 -15.30 -7.51 -6.58
N GLN A 33 -14.49 -6.63 -6.13
CA GLN A 33 -14.92 -5.33 -5.72
C GLN A 33 -13.97 -4.24 -6.23
N PRO A 34 -14.51 -3.15 -6.78
CA PRO A 34 -13.69 -2.03 -7.22
C PRO A 34 -13.14 -1.27 -6.01
N ILE A 35 -11.90 -0.85 -6.09
CA ILE A 35 -11.26 -0.24 -4.94
C ILE A 35 -10.93 1.23 -5.24
N VAL A 36 -11.10 2.09 -4.26
CA VAL A 36 -10.83 3.52 -4.43
C VAL A 36 -9.31 3.80 -4.34
N THR A 37 -8.71 4.23 -5.43
CA THR A 37 -7.27 4.47 -5.48
C THR A 37 -6.92 5.94 -5.18
N ARG A 38 -5.75 6.17 -4.63
CA ARG A 38 -5.32 7.51 -4.21
C ARG A 38 -4.05 7.87 -4.93
N ILE A 39 -3.69 9.13 -4.90
CA ILE A 39 -2.50 9.58 -5.57
C ILE A 39 -1.58 10.36 -4.63
N GLY A 40 -0.30 10.04 -4.69
CA GLY A 40 0.73 10.75 -3.97
C GLY A 40 0.96 10.19 -2.61
N SER A 41 -0.09 9.96 -1.94
CA SER A 41 -0.08 9.58 -0.55
C SER A 41 -1.07 8.45 -0.27
N PRO A 42 -0.72 7.50 0.61
CA PRO A 42 -1.60 6.42 0.99
C PRO A 42 -2.50 6.79 2.18
N PHE A 43 -3.52 7.58 1.90
CA PHE A 43 -4.46 8.02 2.92
C PHE A 43 -5.85 8.04 2.34
N LEU A 44 -6.84 7.97 3.19
CA LEU A 44 -8.23 8.06 2.77
C LEU A 44 -8.55 9.52 2.49
N ASN A 45 -7.72 10.37 3.05
CA ASN A 45 -7.83 11.81 2.91
C ASN A 45 -6.93 12.31 1.78
N ALA A 46 -6.36 11.38 1.05
CA ALA A 46 -5.50 11.70 -0.08
C ALA A 46 -6.35 11.89 -1.31
N PRO A 47 -5.87 12.65 -2.32
CA PRO A 47 -6.60 12.84 -3.56
C PRO A 47 -6.89 11.51 -4.24
N VAL A 48 -8.09 11.35 -4.71
CA VAL A 48 -8.51 10.13 -5.32
C VAL A 48 -8.12 10.11 -6.80
N GLY A 49 -7.58 9.00 -7.23
CA GLY A 49 -7.18 8.87 -8.61
C GLY A 49 -8.28 8.27 -9.43
N GLY A 50 -9.17 7.61 -8.77
CA GLY A 50 -10.25 6.93 -9.43
C GLY A 50 -10.49 5.63 -8.74
N ASN A 51 -11.37 4.84 -9.25
CA ASN A 51 -11.60 3.52 -8.69
C ASN A 51 -10.94 2.50 -9.57
N LEU A 52 -10.34 1.53 -8.95
CA LEU A 52 -9.74 0.44 -9.64
C LEU A 52 -10.81 -0.57 -9.90
N PRO A 53 -10.99 -0.97 -11.16
CA PRO A 53 -11.96 -1.96 -11.51
C PRO A 53 -11.69 -3.31 -10.84
N ALA A 54 -12.74 -4.05 -10.59
CA ALA A 54 -12.62 -5.37 -10.04
C ALA A 54 -12.03 -6.27 -11.11
N GLY A 55 -11.03 -7.04 -10.75
CA GLY A 55 -10.39 -7.91 -11.71
C GLY A 55 -9.18 -7.29 -12.39
N ALA A 56 -8.85 -6.08 -12.01
CA ALA A 56 -7.70 -5.42 -12.61
C ALA A 56 -6.42 -5.95 -11.97
N THR A 57 -5.44 -6.20 -12.79
CA THR A 57 -4.17 -6.65 -12.34
C THR A 57 -3.20 -5.47 -12.23
N ILE A 58 -2.79 -5.20 -11.03
CA ILE A 58 -1.90 -4.10 -10.73
C ILE A 58 -0.50 -4.60 -10.47
N VAL A 59 0.46 -4.01 -11.10
CA VAL A 59 1.82 -4.32 -10.78
C VAL A 59 2.29 -3.20 -9.88
N TYR A 60 2.61 -3.53 -8.66
CA TYR A 60 3.02 -2.51 -7.72
C TYR A 60 4.44 -2.71 -7.32
N ASP A 61 5.05 -1.69 -6.77
CA ASP A 61 6.44 -1.79 -6.36
C ASP A 61 6.60 -1.52 -4.89
N GLU A 62 5.52 -1.27 -4.21
CA GLU A 62 5.62 -0.93 -2.82
C GLU A 62 4.34 -1.27 -2.10
N VAL A 63 4.45 -1.56 -0.84
CA VAL A 63 3.32 -1.78 0.02
C VAL A 63 3.47 -0.82 1.17
N CYS A 64 2.42 -0.13 1.51
CA CYS A 64 2.45 0.81 2.60
C CYS A 64 1.35 0.52 3.60
N ILE A 65 1.52 1.02 4.80
CA ILE A 65 0.51 0.90 5.84
C ILE A 65 0.24 2.27 6.42
N GLN A 66 -1.00 2.67 6.36
CA GLN A 66 -1.44 3.96 6.88
C GLN A 66 -2.95 4.00 6.85
N ALA A 67 -3.54 4.75 7.78
CA ALA A 67 -5.00 4.95 7.86
C ALA A 67 -5.72 3.62 8.13
N GLY A 68 -5.04 2.73 8.84
CA GLY A 68 -5.57 1.42 9.18
C GLY A 68 -5.67 0.49 7.99
N HIS A 69 -5.12 0.92 6.88
CA HIS A 69 -5.17 0.15 5.67
C HIS A 69 -3.78 -0.17 5.18
N ILE A 70 -3.70 -1.20 4.40
CA ILE A 70 -2.49 -1.55 3.73
C ILE A 70 -2.68 -1.15 2.28
N TRP A 71 -1.70 -0.54 1.71
CA TRP A 71 -1.80 0.05 0.41
C TRP A 71 -0.72 -0.46 -0.46
N ILE A 72 -0.94 -0.42 -1.72
CA ILE A 72 0.08 -0.74 -2.67
C ILE A 72 0.45 0.49 -3.43
N GLY A 73 1.72 0.69 -3.58
CA GLY A 73 2.22 1.84 -4.26
C GLY A 73 2.67 1.48 -5.63
N TYR A 74 2.07 2.10 -6.59
CA TYR A 74 2.44 1.91 -7.96
C TYR A 74 2.35 3.22 -8.68
N ASN A 75 2.79 3.26 -9.88
CA ASN A 75 2.75 4.47 -10.64
C ASN A 75 1.78 4.35 -11.76
N ALA A 76 1.13 5.43 -12.06
CA ALA A 76 0.25 5.47 -13.20
C ALA A 76 1.06 5.97 -14.37
N TYR A 77 0.47 5.91 -15.54
CA TYR A 77 1.12 6.31 -16.78
C TYR A 77 1.50 7.82 -16.78
N ASN A 78 0.85 8.59 -15.94
CA ASN A 78 1.13 10.03 -15.85
C ASN A 78 2.20 10.29 -14.80
N GLY A 79 2.72 9.23 -14.20
CA GLY A 79 3.73 9.40 -13.18
C GLY A 79 3.13 9.57 -11.80
N ASN A 80 1.83 9.36 -11.70
CA ASN A 80 1.11 9.52 -10.44
C ASN A 80 1.47 8.40 -9.51
N ARG A 81 1.65 8.70 -8.23
CA ARG A 81 1.90 7.66 -7.27
C ARG A 81 0.57 7.16 -6.80
N VAL A 82 0.12 6.10 -7.35
CA VAL A 82 -1.18 5.65 -7.03
C VAL A 82 -1.12 4.60 -5.95
N TYR A 83 -1.93 4.80 -4.96
CA TYR A 83 -2.03 3.90 -3.86
C TYR A 83 -3.40 3.29 -3.80
N CYS A 84 -3.43 2.00 -3.82
CA CYS A 84 -4.66 1.28 -3.74
C CYS A 84 -4.68 0.53 -2.42
N PRO A 85 -5.73 0.66 -1.63
CA PRO A 85 -5.86 -0.09 -0.41
C PRO A 85 -6.20 -1.53 -0.76
N VAL A 86 -5.46 -2.44 -0.22
CA VAL A 86 -5.63 -3.82 -0.58
C VAL A 86 -6.14 -4.67 0.55
N ARG A 87 -6.13 -4.13 1.76
CA ARG A 87 -6.58 -4.83 2.95
C ARG A 87 -6.45 -3.88 4.12
N THR A 88 -6.88 -4.32 5.26
CA THR A 88 -6.81 -3.53 6.45
C THR A 88 -5.60 -3.93 7.27
N CYS A 89 -5.21 -3.11 8.21
CA CYS A 89 -4.14 -3.39 9.12
C CYS A 89 -4.43 -2.75 10.44
N GLN A 90 -4.60 -3.56 11.44
CA GLN A 90 -4.83 -3.08 12.76
C GLN A 90 -3.48 -2.74 13.37
N GLY A 91 -3.17 -1.49 13.45
CA GLY A 91 -1.93 -1.06 14.01
C GLY A 91 -0.84 -0.94 12.97
N VAL A 92 0.37 -0.75 13.43
CA VAL A 92 1.52 -0.62 12.57
C VAL A 92 2.54 -1.68 12.91
N PRO A 93 3.36 -2.09 11.93
CA PRO A 93 4.37 -3.13 12.12
C PRO A 93 5.44 -2.73 13.16
N PRO A 94 6.29 -3.68 13.65
CA PRO A 94 6.35 -5.08 13.17
C PRO A 94 5.10 -5.88 13.52
N ASN A 95 4.38 -5.45 14.55
CA ASN A 95 3.18 -6.13 14.92
C ASN A 95 2.03 -5.49 14.19
N GLN A 96 1.89 -5.85 12.95
CA GLN A 96 0.80 -5.38 12.15
C GLN A 96 -0.20 -6.49 12.10
N ILE A 97 -1.42 -6.18 11.92
CA ILE A 97 -2.45 -7.18 11.82
C ILE A 97 -3.22 -6.97 10.55
N PRO A 98 -2.77 -7.59 9.47
CA PRO A 98 -3.39 -7.45 8.17
C PRO A 98 -4.69 -8.26 8.05
N GLY A 99 -5.75 -7.59 7.66
CA GLY A 99 -7.02 -8.24 7.49
C GLY A 99 -7.08 -9.00 6.18
N VAL A 100 -8.27 -9.37 5.76
CA VAL A 100 -8.43 -10.12 4.53
C VAL A 100 -8.07 -9.24 3.34
N ALA A 101 -7.40 -9.82 2.38
CA ALA A 101 -6.99 -9.12 1.20
C ALA A 101 -8.13 -8.98 0.24
N TRP A 102 -8.19 -7.86 -0.42
CA TRP A 102 -9.23 -7.56 -1.37
C TRP A 102 -8.83 -8.04 -2.77
N GLY A 103 -7.83 -8.89 -2.80
CA GLY A 103 -7.36 -9.45 -4.02
C GLY A 103 -6.22 -10.40 -3.79
N VAL A 104 -5.49 -10.69 -4.82
CA VAL A 104 -4.38 -11.62 -4.77
C VAL A 104 -3.10 -10.83 -4.88
N PHE A 105 -2.03 -11.38 -4.36
CA PHE A 105 -0.75 -10.79 -4.43
C PHE A 105 0.19 -11.79 -5.05
N LYS A 106 0.50 -11.61 -6.28
CA LYS A 106 1.40 -12.48 -6.98
C LYS A 106 2.80 -11.96 -6.86
N GLU A 1 17.83 -11.57 29.20
CA GLU A 1 17.43 -10.81 28.02
C GLU A 1 18.31 -11.23 26.84
N THR A 2 17.85 -10.93 25.65
CA THR A 2 18.55 -11.19 24.44
C THR A 2 19.61 -10.09 24.23
N PRO A 3 20.90 -10.44 24.26
CA PRO A 3 21.99 -9.49 24.04
C PRO A 3 22.01 -8.98 22.60
N ALA A 4 21.60 -9.85 21.69
CA ALA A 4 21.53 -9.54 20.28
C ALA A 4 20.49 -8.46 20.04
N THR A 5 20.79 -7.55 19.15
CA THR A 5 19.88 -6.52 18.77
C THR A 5 18.69 -7.12 18.02
N ARG A 6 17.51 -7.01 18.60
CA ARG A 6 16.32 -7.56 18.00
C ARG A 6 15.97 -6.80 16.73
N PRO A 7 15.52 -7.49 15.69
CA PRO A 7 15.15 -6.87 14.46
C PRO A 7 13.74 -6.28 14.56
N VAL A 8 13.68 -5.06 15.03
CA VAL A 8 12.42 -4.40 15.20
C VAL A 8 11.91 -3.87 13.86
N THR A 9 12.80 -3.28 13.09
CA THR A 9 12.44 -2.73 11.82
C THR A 9 13.35 -3.28 10.73
N GLY A 10 12.80 -4.14 9.88
CA GLY A 10 13.59 -4.73 8.84
C GLY A 10 13.04 -4.38 7.48
N SER A 11 12.10 -5.18 7.02
CA SER A 11 11.48 -4.97 5.75
C SER A 11 10.69 -3.68 5.78
N TRP A 12 9.89 -3.52 6.81
CA TRP A 12 9.07 -2.36 6.96
C TRP A 12 9.84 -1.26 7.61
N LYS A 13 9.90 -0.16 6.94
CA LYS A 13 10.57 1.02 7.40
C LYS A 13 9.60 2.17 7.36
N LYS A 14 9.71 3.06 8.31
CA LYS A 14 8.78 4.16 8.44
C LYS A 14 9.34 5.40 7.76
N ASN A 15 8.52 6.02 6.97
CA ASN A 15 8.90 7.20 6.21
C ASN A 15 8.56 8.47 6.98
N GLN A 16 8.81 9.62 6.36
CA GLN A 16 8.58 10.93 6.97
C GLN A 16 7.11 11.17 7.35
N TYR A 17 6.19 10.48 6.67
CA TYR A 17 4.75 10.66 6.90
C TYR A 17 4.27 9.75 8.02
N GLY A 18 5.18 8.89 8.47
CA GLY A 18 4.86 7.94 9.51
C GLY A 18 4.22 6.71 8.95
N THR A 19 4.35 6.57 7.67
CA THR A 19 3.85 5.44 6.97
C THR A 19 4.95 4.40 6.90
N TRP A 20 4.59 3.17 7.10
CA TRP A 20 5.52 2.09 7.00
C TRP A 20 5.45 1.55 5.60
N TYR A 21 6.57 1.32 5.00
CA TYR A 21 6.61 0.86 3.64
C TYR A 21 7.65 -0.21 3.49
N LYS A 22 7.53 -0.94 2.42
CA LYS A 22 8.50 -1.88 1.97
C LYS A 22 8.31 -2.03 0.47
N PRO A 23 9.39 -2.22 -0.27
CA PRO A 23 9.31 -2.46 -1.69
C PRO A 23 8.88 -3.91 -1.94
N GLU A 24 7.92 -4.09 -2.80
CA GLU A 24 7.43 -5.40 -3.13
C GLU A 24 6.92 -5.36 -4.54
N ASN A 25 7.43 -6.20 -5.38
CA ASN A 25 7.01 -6.20 -6.76
C ASN A 25 6.12 -7.38 -6.99
N ALA A 26 4.88 -7.12 -7.22
CA ALA A 26 3.93 -8.19 -7.44
C ALA A 26 2.76 -7.70 -8.22
N THR A 27 1.99 -8.62 -8.71
CA THR A 27 0.81 -8.31 -9.45
C THR A 27 -0.43 -8.52 -8.58
N PHE A 28 -1.15 -7.47 -8.40
CA PHE A 28 -2.34 -7.48 -7.63
C PHE A 28 -3.51 -7.57 -8.57
N VAL A 29 -4.26 -8.59 -8.42
CA VAL A 29 -5.46 -8.78 -9.19
C VAL A 29 -6.59 -8.53 -8.26
N ASN A 30 -7.28 -7.43 -8.47
CA ASN A 30 -8.38 -7.04 -7.61
C ASN A 30 -9.49 -8.10 -7.64
N GLY A 31 -10.19 -8.24 -6.55
CA GLY A 31 -11.21 -9.25 -6.43
C GLY A 31 -12.55 -8.82 -6.96
N ASN A 32 -13.58 -9.04 -6.17
CA ASN A 32 -14.96 -8.82 -6.60
C ASN A 32 -15.47 -7.41 -6.35
N GLN A 33 -14.71 -6.61 -5.65
CA GLN A 33 -15.13 -5.27 -5.37
C GLN A 33 -14.15 -4.26 -5.92
N PRO A 34 -14.64 -3.15 -6.46
CA PRO A 34 -13.78 -2.06 -6.90
C PRO A 34 -13.15 -1.35 -5.70
N ILE A 35 -11.99 -0.81 -5.92
CA ILE A 35 -11.20 -0.21 -4.88
C ILE A 35 -11.05 1.28 -5.16
N VAL A 36 -11.09 2.10 -4.17
CA VAL A 36 -10.88 3.53 -4.35
C VAL A 36 -9.39 3.84 -4.14
N THR A 37 -8.72 4.30 -5.17
CA THR A 37 -7.28 4.51 -5.11
C THR A 37 -6.94 5.98 -4.80
N ARG A 38 -5.74 6.24 -4.30
CA ARG A 38 -5.31 7.57 -3.88
C ARG A 38 -3.95 7.88 -4.50
N ILE A 39 -3.63 9.15 -4.64
CA ILE A 39 -2.39 9.54 -5.29
C ILE A 39 -1.41 10.26 -4.37
N GLY A 40 -0.14 9.88 -4.51
CA GLY A 40 0.98 10.49 -3.83
C GLY A 40 1.16 9.97 -2.44
N SER A 41 0.07 9.73 -1.80
CA SER A 41 0.05 9.40 -0.41
C SER A 41 -0.95 8.26 -0.13
N PRO A 42 -0.69 7.45 0.92
CA PRO A 42 -1.58 6.37 1.34
C PRO A 42 -2.55 6.84 2.44
N PHE A 43 -3.19 7.96 2.21
CA PHE A 43 -4.13 8.50 3.16
C PHE A 43 -5.48 8.63 2.52
N LEU A 44 -6.52 8.57 3.31
CA LEU A 44 -7.88 8.65 2.82
C LEU A 44 -8.28 10.09 2.49
N ASN A 45 -7.43 11.04 2.84
CA ASN A 45 -7.69 12.45 2.54
C ASN A 45 -6.83 12.92 1.37
N ALA A 46 -6.11 11.98 0.79
CA ALA A 46 -5.26 12.25 -0.36
C ALA A 46 -6.13 12.27 -1.62
N PRO A 47 -5.69 12.91 -2.72
CA PRO A 47 -6.48 12.99 -3.97
C PRO A 47 -6.83 11.61 -4.50
N VAL A 48 -8.04 11.48 -5.01
CA VAL A 48 -8.53 10.23 -5.52
C VAL A 48 -7.87 9.95 -6.87
N GLY A 49 -7.27 8.79 -6.99
CA GLY A 49 -6.63 8.42 -8.21
C GLY A 49 -7.59 7.77 -9.16
N GLY A 50 -8.72 7.41 -8.62
CA GLY A 50 -9.73 6.78 -9.38
C GLY A 50 -10.19 5.55 -8.68
N ASN A 51 -11.06 4.84 -9.28
CA ASN A 51 -11.48 3.60 -8.70
C ASN A 51 -10.92 2.50 -9.52
N LEU A 52 -10.31 1.58 -8.87
CA LEU A 52 -9.78 0.43 -9.51
C LEU A 52 -10.90 -0.54 -9.75
N PRO A 53 -11.10 -0.95 -10.99
CA PRO A 53 -12.13 -1.91 -11.33
C PRO A 53 -11.91 -3.26 -10.65
N ALA A 54 -13.00 -3.94 -10.38
CA ALA A 54 -12.95 -5.25 -9.79
C ALA A 54 -12.38 -6.24 -10.79
N GLY A 55 -11.26 -6.82 -10.44
CA GLY A 55 -10.60 -7.76 -11.31
C GLY A 55 -9.42 -7.16 -12.04
N ALA A 56 -9.09 -5.93 -11.72
CA ALA A 56 -7.99 -5.23 -12.38
C ALA A 56 -6.64 -5.83 -12.03
N THR A 57 -5.75 -5.78 -12.99
CA THR A 57 -4.41 -6.30 -12.87
C THR A 57 -3.40 -5.17 -12.62
N ILE A 58 -2.94 -5.06 -11.40
CA ILE A 58 -2.01 -4.01 -10.99
C ILE A 58 -0.62 -4.58 -10.76
N VAL A 59 0.38 -3.91 -11.26
CA VAL A 59 1.73 -4.25 -10.90
C VAL A 59 2.21 -3.20 -9.93
N TYR A 60 2.50 -3.60 -8.72
CA TYR A 60 2.94 -2.65 -7.73
C TYR A 60 4.38 -2.87 -7.40
N ASP A 61 4.99 -1.89 -6.80
CA ASP A 61 6.40 -1.97 -6.48
C ASP A 61 6.65 -1.61 -5.02
N GLU A 62 5.59 -1.42 -4.27
CA GLU A 62 5.71 -0.98 -2.90
C GLU A 62 4.45 -1.32 -2.15
N VAL A 63 4.57 -1.47 -0.86
CA VAL A 63 3.42 -1.66 0.00
C VAL A 63 3.60 -0.73 1.19
N CYS A 64 2.57 -0.02 1.54
CA CYS A 64 2.57 0.89 2.65
C CYS A 64 1.43 0.58 3.60
N ILE A 65 1.59 0.93 4.85
CA ILE A 65 0.55 0.76 5.84
C ILE A 65 0.25 2.11 6.47
N GLN A 66 -1.02 2.50 6.40
CA GLN A 66 -1.47 3.76 6.94
C GLN A 66 -2.99 3.80 6.86
N ALA A 67 -3.61 4.56 7.77
CA ALA A 67 -5.07 4.75 7.80
C ALA A 67 -5.79 3.43 8.05
N GLY A 68 -5.10 2.51 8.71
CA GLY A 68 -5.66 1.21 9.05
C GLY A 68 -5.71 0.30 7.86
N HIS A 69 -5.16 0.73 6.77
CA HIS A 69 -5.19 -0.01 5.56
C HIS A 69 -3.80 -0.32 5.07
N ILE A 70 -3.70 -1.38 4.33
CA ILE A 70 -2.49 -1.72 3.66
C ILE A 70 -2.66 -1.28 2.23
N TRP A 71 -1.69 -0.61 1.71
CA TRP A 71 -1.78 0.01 0.41
C TRP A 71 -0.67 -0.48 -0.44
N ILE A 72 -0.95 -0.72 -1.66
CA ILE A 72 0.07 -1.02 -2.59
C ILE A 72 0.45 0.25 -3.33
N GLY A 73 1.71 0.49 -3.47
CA GLY A 73 2.18 1.66 -4.12
C GLY A 73 2.67 1.34 -5.49
N TYR A 74 2.13 2.01 -6.47
CA TYR A 74 2.53 1.81 -7.82
C TYR A 74 2.55 3.12 -8.57
N ASN A 75 3.16 3.11 -9.71
CA ASN A 75 3.21 4.29 -10.55
C ASN A 75 2.27 4.09 -11.68
N ALA A 76 1.34 4.99 -11.83
CA ALA A 76 0.39 4.93 -12.92
C ALA A 76 1.08 5.36 -14.21
N TYR A 77 0.36 5.29 -15.32
CA TYR A 77 0.88 5.70 -16.63
C TYR A 77 1.35 7.16 -16.58
N ASN A 78 0.64 7.96 -15.82
CA ASN A 78 0.93 9.38 -15.66
C ASN A 78 2.11 9.62 -14.71
N GLY A 79 2.68 8.55 -14.18
CA GLY A 79 3.82 8.64 -13.28
C GLY A 79 3.39 8.78 -11.83
N ASN A 80 2.15 9.22 -11.66
CA ASN A 80 1.53 9.47 -10.35
C ASN A 80 1.61 8.26 -9.44
N ARG A 81 1.97 8.50 -8.20
CA ARG A 81 2.08 7.44 -7.22
C ARG A 81 0.70 7.07 -6.79
N VAL A 82 0.23 5.97 -7.20
CA VAL A 82 -1.09 5.60 -6.82
C VAL A 82 -1.01 4.54 -5.76
N TYR A 83 -1.78 4.76 -4.75
CA TYR A 83 -1.89 3.85 -3.66
C TYR A 83 -3.26 3.22 -3.68
N CYS A 84 -3.27 1.94 -3.68
CA CYS A 84 -4.49 1.19 -3.68
C CYS A 84 -4.58 0.38 -2.39
N PRO A 85 -5.62 0.61 -1.58
CA PRO A 85 -5.82 -0.15 -0.36
C PRO A 85 -6.24 -1.56 -0.71
N VAL A 86 -5.46 -2.51 -0.32
CA VAL A 86 -5.71 -3.89 -0.70
C VAL A 86 -6.25 -4.71 0.42
N ARG A 87 -6.15 -4.20 1.65
CA ARG A 87 -6.63 -4.87 2.83
C ARG A 87 -6.45 -3.97 4.02
N THR A 88 -6.91 -4.42 5.16
CA THR A 88 -6.81 -3.67 6.38
C THR A 88 -5.58 -4.09 7.18
N CYS A 89 -5.26 -3.31 8.16
CA CYS A 89 -4.21 -3.59 9.08
C CYS A 89 -4.54 -2.96 10.40
N GLN A 90 -4.51 -3.71 11.46
CA GLN A 90 -4.73 -3.13 12.75
C GLN A 90 -3.41 -2.64 13.26
N GLY A 91 -3.28 -1.34 13.32
CA GLY A 91 -2.08 -0.75 13.81
C GLY A 91 -1.04 -0.65 12.73
N VAL A 92 0.19 -0.59 13.15
CA VAL A 92 1.30 -0.49 12.26
C VAL A 92 2.37 -1.46 12.67
N PRO A 93 3.25 -1.88 11.75
CA PRO A 93 4.32 -2.81 12.06
C PRO A 93 5.31 -2.19 13.08
N PRO A 94 6.23 -3.00 13.68
CA PRO A 94 6.43 -4.43 13.35
C PRO A 94 5.29 -5.37 13.74
N ASN A 95 4.28 -4.86 14.40
CA ASN A 95 3.12 -5.68 14.69
C ASN A 95 1.97 -5.22 13.85
N GLN A 96 1.96 -5.65 12.63
CA GLN A 96 0.89 -5.30 11.75
C GLN A 96 -0.08 -6.45 11.78
N ILE A 97 -1.32 -6.15 11.66
CA ILE A 97 -2.31 -7.19 11.61
C ILE A 97 -3.09 -7.06 10.31
N PRO A 98 -2.58 -7.72 9.26
CA PRO A 98 -3.14 -7.61 7.94
C PRO A 98 -4.44 -8.41 7.78
N GLY A 99 -5.44 -7.74 7.28
CA GLY A 99 -6.72 -8.35 7.05
C GLY A 99 -6.74 -9.13 5.76
N VAL A 100 -7.88 -9.65 5.42
CA VAL A 100 -8.05 -10.43 4.22
C VAL A 100 -7.87 -9.54 2.98
N ALA A 101 -7.12 -10.01 2.04
CA ALA A 101 -6.86 -9.29 0.82
C ALA A 101 -8.10 -9.14 -0.02
N TRP A 102 -8.22 -8.02 -0.65
CA TRP A 102 -9.31 -7.74 -1.55
C TRP A 102 -8.92 -8.11 -2.97
N GLY A 103 -7.86 -8.91 -3.08
CA GLY A 103 -7.38 -9.36 -4.35
C GLY A 103 -6.24 -10.32 -4.21
N VAL A 104 -5.65 -10.68 -5.32
CA VAL A 104 -4.57 -11.63 -5.37
C VAL A 104 -3.24 -10.88 -5.40
N PHE A 105 -2.20 -11.54 -4.97
CA PHE A 105 -0.88 -11.00 -5.04
C PHE A 105 0.02 -12.03 -5.70
N LYS A 106 0.34 -11.82 -6.94
CA LYS A 106 1.21 -12.71 -7.66
C LYS A 106 2.65 -12.30 -7.44
N GLU A 1 17.31 14.49 5.67
CA GLU A 1 18.07 14.24 4.44
C GLU A 1 18.36 12.76 4.28
N THR A 2 18.77 12.13 5.37
CA THR A 2 19.16 10.75 5.41
C THR A 2 18.02 9.80 4.97
N PRO A 3 18.19 9.10 3.83
CA PRO A 3 17.19 8.16 3.32
C PRO A 3 17.01 6.97 4.26
N ALA A 4 15.80 6.53 4.43
CA ALA A 4 15.52 5.40 5.28
C ALA A 4 15.77 4.11 4.55
N THR A 5 17.00 3.68 4.53
CA THR A 5 17.36 2.45 3.88
C THR A 5 17.59 1.32 4.88
N ARG A 6 17.78 1.68 6.14
CA ARG A 6 18.00 0.69 7.18
C ARG A 6 16.69 0.13 7.68
N PRO A 7 16.61 -1.20 7.85
CA PRO A 7 15.41 -1.87 8.33
C PRO A 7 15.00 -1.38 9.72
N VAL A 8 13.78 -0.91 9.83
CA VAL A 8 13.27 -0.44 11.10
C VAL A 8 12.57 -1.61 11.79
N THR A 9 11.51 -2.08 11.20
CA THR A 9 10.78 -3.20 11.71
C THR A 9 10.88 -4.36 10.72
N GLY A 10 12.04 -4.46 10.11
CA GLY A 10 12.28 -5.46 9.13
C GLY A 10 12.24 -4.88 7.75
N SER A 11 11.34 -5.35 6.93
CA SER A 11 11.20 -4.83 5.60
C SER A 11 10.54 -3.45 5.64
N TRP A 12 9.79 -3.22 6.69
CA TRP A 12 9.04 -2.03 6.84
C TRP A 12 9.88 -0.93 7.44
N LYS A 13 9.82 0.19 6.80
CA LYS A 13 10.49 1.39 7.21
C LYS A 13 9.46 2.47 7.20
N LYS A 14 9.63 3.48 8.01
CA LYS A 14 8.63 4.52 8.10
C LYS A 14 9.20 5.84 7.59
N ASN A 15 8.35 6.63 6.97
CA ASN A 15 8.74 7.97 6.51
C ASN A 15 8.29 9.02 7.51
N GLN A 16 8.57 10.28 7.16
CA GLN A 16 8.23 11.46 7.96
C GLN A 16 6.72 11.59 8.24
N TYR A 17 5.89 10.99 7.40
CA TYR A 17 4.45 11.13 7.53
C TYR A 17 3.88 10.04 8.42
N GLY A 18 4.73 9.12 8.80
CA GLY A 18 4.30 8.04 9.64
C GLY A 18 3.78 6.87 8.83
N THR A 19 4.08 6.88 7.57
CA THR A 19 3.68 5.83 6.69
C THR A 19 4.75 4.74 6.68
N TRP A 20 4.35 3.51 6.94
CA TRP A 20 5.26 2.40 6.86
C TRP A 20 5.23 1.88 5.46
N TYR A 21 6.36 1.51 4.94
CA TYR A 21 6.44 1.02 3.58
C TYR A 21 7.51 -0.04 3.46
N LYS A 22 7.35 -0.89 2.48
CA LYS A 22 8.34 -1.87 2.14
C LYS A 22 8.32 -2.05 0.62
N PRO A 23 9.45 -2.31 0.02
CA PRO A 23 9.55 -2.54 -1.42
C PRO A 23 9.16 -3.99 -1.76
N GLU A 24 8.14 -4.13 -2.56
CA GLU A 24 7.67 -5.43 -2.92
C GLU A 24 7.16 -5.39 -4.34
N ASN A 25 7.71 -6.23 -5.18
CA ASN A 25 7.31 -6.29 -6.56
C ASN A 25 6.35 -7.42 -6.74
N ALA A 26 5.12 -7.10 -6.98
CA ALA A 26 4.10 -8.12 -7.15
C ALA A 26 2.94 -7.63 -7.97
N THR A 27 2.17 -8.55 -8.47
CA THR A 27 1.00 -8.25 -9.21
C THR A 27 -0.24 -8.40 -8.33
N PHE A 28 -0.95 -7.35 -8.17
CA PHE A 28 -2.15 -7.32 -7.41
C PHE A 28 -3.31 -7.42 -8.36
N VAL A 29 -4.00 -8.50 -8.27
CA VAL A 29 -5.16 -8.70 -9.05
C VAL A 29 -6.32 -8.44 -8.15
N ASN A 30 -7.01 -7.34 -8.37
CA ASN A 30 -8.12 -6.96 -7.51
C ASN A 30 -9.22 -8.02 -7.56
N GLY A 31 -9.92 -8.18 -6.49
CA GLY A 31 -10.89 -9.20 -6.37
C GLY A 31 -12.27 -8.82 -6.86
N ASN A 32 -13.24 -9.00 -6.01
CA ASN A 32 -14.65 -8.83 -6.36
C ASN A 32 -15.13 -7.40 -6.12
N GLN A 33 -14.46 -6.67 -5.27
CA GLN A 33 -14.85 -5.30 -5.00
C GLN A 33 -13.90 -4.33 -5.68
N PRO A 34 -14.42 -3.25 -6.28
CA PRO A 34 -13.60 -2.20 -6.85
C PRO A 34 -12.98 -1.39 -5.71
N ILE A 35 -11.79 -0.87 -5.91
CA ILE A 35 -11.12 -0.20 -4.82
C ILE A 35 -10.82 1.26 -5.18
N VAL A 36 -11.05 2.15 -4.26
CA VAL A 36 -10.78 3.58 -4.47
C VAL A 36 -9.27 3.84 -4.29
N THR A 37 -8.62 4.27 -5.34
CA THR A 37 -7.21 4.48 -5.32
C THR A 37 -6.88 5.93 -4.92
N ARG A 38 -5.68 6.16 -4.42
CA ARG A 38 -5.24 7.48 -3.98
C ARG A 38 -3.98 7.86 -4.70
N ILE A 39 -3.75 9.14 -4.88
CA ILE A 39 -2.60 9.59 -5.63
C ILE A 39 -1.60 10.40 -4.79
N GLY A 40 -0.32 10.10 -4.99
CA GLY A 40 0.79 10.81 -4.38
C GLY A 40 1.14 10.29 -3.01
N SER A 41 0.13 10.10 -2.27
CA SER A 41 0.21 9.73 -0.87
C SER A 41 -0.83 8.65 -0.53
N PRO A 42 -0.50 7.70 0.36
CA PRO A 42 -1.43 6.67 0.76
C PRO A 42 -2.29 7.08 1.97
N PHE A 43 -3.32 7.86 1.72
CA PHE A 43 -4.21 8.30 2.77
C PHE A 43 -5.61 8.33 2.22
N LEU A 44 -6.57 8.19 3.10
CA LEU A 44 -7.98 8.32 2.74
C LEU A 44 -8.32 9.80 2.58
N ASN A 45 -7.40 10.62 3.06
CA ASN A 45 -7.51 12.07 2.96
C ASN A 45 -6.82 12.55 1.67
N ALA A 46 -6.14 11.64 1.00
CA ALA A 46 -5.42 11.96 -0.22
C ALA A 46 -6.37 11.93 -1.41
N PRO A 47 -6.04 12.66 -2.52
CA PRO A 47 -6.85 12.71 -3.73
C PRO A 47 -7.08 11.32 -4.33
N VAL A 48 -8.25 11.14 -4.86
CA VAL A 48 -8.69 9.89 -5.43
C VAL A 48 -8.18 9.76 -6.85
N GLY A 49 -7.60 8.63 -7.14
CA GLY A 49 -7.11 8.36 -8.47
C GLY A 49 -8.20 7.81 -9.34
N GLY A 50 -9.13 7.14 -8.71
CA GLY A 50 -10.24 6.55 -9.38
C GLY A 50 -10.63 5.29 -8.65
N ASN A 51 -11.56 4.58 -9.15
CA ASN A 51 -11.90 3.29 -8.59
C ASN A 51 -11.34 2.23 -9.46
N LEU A 52 -10.45 1.47 -8.91
CA LEU A 52 -9.83 0.37 -9.59
C LEU A 52 -10.84 -0.71 -9.80
N PRO A 53 -11.04 -1.12 -11.05
CA PRO A 53 -11.97 -2.15 -11.37
C PRO A 53 -11.71 -3.46 -10.63
N ALA A 54 -12.78 -4.11 -10.23
CA ALA A 54 -12.69 -5.39 -9.58
C ALA A 54 -12.18 -6.41 -10.59
N GLY A 55 -11.04 -6.98 -10.34
CA GLY A 55 -10.46 -7.92 -11.27
C GLY A 55 -9.30 -7.35 -12.07
N ALA A 56 -8.98 -6.08 -11.83
CA ALA A 56 -7.89 -5.41 -12.54
C ALA A 56 -6.53 -5.92 -12.10
N THR A 57 -5.58 -5.90 -13.02
CA THR A 57 -4.25 -6.38 -12.75
C THR A 57 -3.25 -5.22 -12.55
N ILE A 58 -2.83 -5.04 -11.34
CA ILE A 58 -1.91 -4.00 -10.94
C ILE A 58 -0.53 -4.57 -10.69
N VAL A 59 0.45 -3.95 -11.21
CA VAL A 59 1.79 -4.29 -10.84
C VAL A 59 2.31 -3.18 -9.91
N TYR A 60 2.61 -3.54 -8.69
CA TYR A 60 3.06 -2.55 -7.73
C TYR A 60 4.50 -2.79 -7.36
N ASP A 61 5.11 -1.81 -6.75
CA ASP A 61 6.51 -1.93 -6.36
C ASP A 61 6.69 -1.69 -4.87
N GLU A 62 5.63 -1.37 -4.18
CA GLU A 62 5.78 -1.03 -2.79
C GLU A 62 4.47 -1.30 -2.06
N VAL A 63 4.56 -1.55 -0.79
CA VAL A 63 3.40 -1.72 0.05
C VAL A 63 3.54 -0.77 1.22
N CYS A 64 2.49 -0.09 1.56
CA CYS A 64 2.51 0.87 2.63
C CYS A 64 1.43 0.56 3.67
N ILE A 65 1.62 1.04 4.88
CA ILE A 65 0.65 0.92 5.94
C ILE A 65 0.40 2.29 6.52
N GLN A 66 -0.77 2.80 6.25
CA GLN A 66 -1.17 4.09 6.70
C GLN A 66 -2.68 4.13 6.75
N ALA A 67 -3.23 4.96 7.63
CA ALA A 67 -4.67 5.11 7.81
C ALA A 67 -5.31 3.79 8.24
N GLY A 68 -4.50 2.94 8.87
CA GLY A 68 -4.95 1.62 9.31
C GLY A 68 -5.22 0.68 8.14
N HIS A 69 -4.77 1.06 6.99
CA HIS A 69 -4.95 0.29 5.79
C HIS A 69 -3.62 -0.08 5.21
N ILE A 70 -3.59 -1.15 4.48
CA ILE A 70 -2.41 -1.55 3.77
C ILE A 70 -2.61 -1.14 2.33
N TRP A 71 -1.61 -0.54 1.76
CA TRP A 71 -1.71 0.05 0.45
C TRP A 71 -0.64 -0.49 -0.42
N ILE A 72 -0.90 -0.54 -1.67
CA ILE A 72 0.12 -0.84 -2.61
C ILE A 72 0.49 0.41 -3.34
N GLY A 73 1.75 0.66 -3.42
CA GLY A 73 2.24 1.82 -4.08
C GLY A 73 2.72 1.48 -5.43
N TYR A 74 2.11 2.06 -6.42
CA TYR A 74 2.48 1.81 -7.75
C TYR A 74 2.40 3.06 -8.55
N ASN A 75 2.93 3.02 -9.71
CA ASN A 75 2.83 4.11 -10.61
C ASN A 75 1.83 3.73 -11.64
N ALA A 76 0.88 4.59 -11.85
CA ALA A 76 -0.20 4.34 -12.78
C ALA A 76 0.26 4.58 -14.20
N TYR A 77 -0.60 4.22 -15.14
CA TYR A 77 -0.36 4.47 -16.57
C TYR A 77 -0.35 5.99 -16.81
N ASN A 78 -0.96 6.69 -15.88
CA ASN A 78 -1.02 8.14 -15.88
C ASN A 78 0.31 8.76 -15.36
N GLY A 79 1.20 7.92 -14.87
CA GLY A 79 2.49 8.38 -14.39
C GLY A 79 2.46 8.93 -12.98
N ASN A 80 1.34 8.78 -12.32
CA ASN A 80 1.19 9.25 -10.95
C ASN A 80 1.37 8.14 -9.95
N ARG A 81 1.72 8.51 -8.71
CA ARG A 81 1.90 7.53 -7.64
C ARG A 81 0.54 7.17 -7.16
N VAL A 82 0.15 5.97 -7.34
CA VAL A 82 -1.16 5.59 -6.94
C VAL A 82 -1.06 4.53 -5.88
N TYR A 83 -1.84 4.71 -4.88
CA TYR A 83 -1.90 3.80 -3.80
C TYR A 83 -3.27 3.22 -3.72
N CYS A 84 -3.34 1.94 -3.78
CA CYS A 84 -4.59 1.24 -3.68
C CYS A 84 -4.59 0.48 -2.37
N PRO A 85 -5.59 0.66 -1.52
CA PRO A 85 -5.70 -0.10 -0.30
C PRO A 85 -6.08 -1.53 -0.64
N VAL A 86 -5.34 -2.47 -0.12
CA VAL A 86 -5.56 -3.85 -0.49
C VAL A 86 -6.11 -4.69 0.64
N ARG A 87 -6.06 -4.16 1.85
CA ARG A 87 -6.56 -4.81 3.04
C ARG A 87 -6.38 -3.87 4.21
N THR A 88 -6.98 -4.17 5.31
CA THR A 88 -6.87 -3.37 6.49
C THR A 88 -5.72 -3.89 7.36
N CYS A 89 -5.25 -3.08 8.27
CA CYS A 89 -4.20 -3.46 9.17
C CYS A 89 -4.48 -2.91 10.53
N GLN A 90 -4.59 -3.78 11.49
CA GLN A 90 -4.79 -3.36 12.84
C GLN A 90 -3.44 -3.02 13.43
N GLY A 91 -3.23 -1.76 13.69
CA GLY A 91 -1.97 -1.32 14.22
C GLY A 91 -0.93 -1.21 13.14
N VAL A 92 0.30 -1.10 13.55
CA VAL A 92 1.43 -0.99 12.65
C VAL A 92 2.39 -2.13 12.93
N PRO A 93 3.30 -2.45 11.98
CA PRO A 93 4.27 -3.51 12.17
C PRO A 93 5.29 -3.20 13.29
N PRO A 94 6.10 -4.19 13.75
CA PRO A 94 6.16 -5.56 13.21
C PRO A 94 4.86 -6.35 13.40
N ASN A 95 4.10 -6.05 14.43
CA ASN A 95 2.86 -6.78 14.63
C ASN A 95 1.74 -6.08 13.95
N GLN A 96 1.69 -6.29 12.68
CA GLN A 96 0.66 -5.78 11.86
C GLN A 96 -0.38 -6.86 11.78
N ILE A 97 -1.59 -6.51 11.76
CA ILE A 97 -2.64 -7.48 11.62
C ILE A 97 -3.45 -7.15 10.41
N PRO A 98 -3.09 -7.74 9.29
CA PRO A 98 -3.78 -7.52 8.04
C PRO A 98 -5.06 -8.34 7.95
N GLY A 99 -6.12 -7.70 7.49
CA GLY A 99 -7.38 -8.38 7.29
C GLY A 99 -7.39 -9.13 5.99
N VAL A 100 -8.58 -9.44 5.49
CA VAL A 100 -8.72 -10.15 4.23
C VAL A 100 -8.16 -9.30 3.08
N ALA A 101 -7.47 -9.94 2.17
CA ALA A 101 -6.95 -9.25 1.04
C ALA A 101 -8.03 -9.07 0.04
N TRP A 102 -8.11 -7.90 -0.50
CA TRP A 102 -9.13 -7.55 -1.44
C TRP A 102 -8.75 -7.99 -2.86
N GLY A 103 -7.69 -8.75 -2.97
CA GLY A 103 -7.25 -9.26 -4.22
C GLY A 103 -6.10 -10.23 -4.05
N VAL A 104 -5.53 -10.62 -5.16
CA VAL A 104 -4.44 -11.56 -5.18
C VAL A 104 -3.15 -10.81 -5.26
N PHE A 105 -2.13 -11.35 -4.71
CA PHE A 105 -0.82 -10.81 -4.78
C PHE A 105 0.07 -11.87 -5.40
N LYS A 106 0.47 -11.63 -6.60
CA LYS A 106 1.36 -12.56 -7.27
C LYS A 106 2.78 -12.02 -7.21
N GLU A 1 26.06 -5.77 21.80
CA GLU A 1 27.12 -6.31 20.93
C GLU A 1 27.38 -5.35 19.75
N THR A 2 26.31 -4.87 19.16
CA THR A 2 26.36 -3.93 18.10
C THR A 2 26.17 -2.54 18.71
N PRO A 3 27.04 -1.56 18.37
CA PRO A 3 26.94 -0.16 18.89
C PRO A 3 25.75 0.62 18.26
N ALA A 4 24.69 -0.07 18.01
CA ALA A 4 23.50 0.46 17.40
C ALA A 4 22.33 -0.28 17.98
N THR A 5 21.17 0.31 17.91
CA THR A 5 19.98 -0.31 18.43
C THR A 5 19.53 -1.47 17.56
N ARG A 6 18.73 -2.34 18.12
CA ARG A 6 18.18 -3.46 17.39
C ARG A 6 17.10 -2.98 16.47
N PRO A 7 17.10 -3.46 15.22
CA PRO A 7 16.12 -3.07 14.22
C PRO A 7 14.72 -3.38 14.67
N VAL A 8 13.95 -2.34 14.91
CA VAL A 8 12.56 -2.49 15.27
C VAL A 8 11.84 -3.04 14.05
N THR A 9 12.21 -2.50 12.92
CA THR A 9 11.68 -2.87 11.65
C THR A 9 12.76 -2.77 10.58
N GLY A 10 13.20 -3.91 10.11
CA GLY A 10 14.14 -3.96 9.02
C GLY A 10 13.43 -4.34 7.74
N SER A 11 12.34 -5.05 7.92
CA SER A 11 11.49 -5.50 6.86
C SER A 11 10.68 -4.33 6.31
N TRP A 12 9.99 -3.66 7.19
CA TRP A 12 9.23 -2.50 6.86
C TRP A 12 9.98 -1.29 7.34
N LYS A 13 9.92 -0.24 6.61
CA LYS A 13 10.59 0.98 6.97
C LYS A 13 9.57 2.08 6.98
N LYS A 14 9.66 2.97 7.92
CA LYS A 14 8.71 4.04 7.98
C LYS A 14 9.34 5.32 7.49
N ASN A 15 8.60 6.08 6.73
CA ASN A 15 9.09 7.38 6.27
C ASN A 15 8.60 8.49 7.19
N GLN A 16 8.93 9.73 6.86
CA GLN A 16 8.55 10.90 7.66
C GLN A 16 7.03 11.10 7.73
N TYR A 17 6.31 10.56 6.75
CA TYR A 17 4.86 10.70 6.67
C TYR A 17 4.20 9.77 7.69
N GLY A 18 4.97 8.82 8.15
CA GLY A 18 4.49 7.85 9.10
C GLY A 18 4.00 6.63 8.40
N THR A 19 4.24 6.58 7.13
CA THR A 19 3.84 5.49 6.32
C THR A 19 4.91 4.40 6.39
N TRP A 20 4.49 3.22 6.75
CA TRP A 20 5.37 2.09 6.76
C TRP A 20 5.35 1.51 5.38
N TYR A 21 6.47 1.37 4.79
CA TYR A 21 6.53 0.88 3.44
C TYR A 21 7.60 -0.17 3.30
N LYS A 22 7.39 -1.06 2.39
CA LYS A 22 8.37 -2.05 2.04
C LYS A 22 8.44 -2.14 0.54
N PRO A 23 9.62 -2.34 0.00
CA PRO A 23 9.79 -2.53 -1.42
C PRO A 23 9.37 -3.95 -1.81
N GLU A 24 8.31 -4.06 -2.57
CA GLU A 24 7.83 -5.35 -2.94
C GLU A 24 7.20 -5.32 -4.31
N ASN A 25 7.70 -6.15 -5.17
CA ASN A 25 7.21 -6.19 -6.52
C ASN A 25 6.26 -7.34 -6.65
N ALA A 26 5.01 -7.02 -6.74
CA ALA A 26 4.00 -8.05 -6.83
C ALA A 26 2.86 -7.59 -7.67
N THR A 27 2.11 -8.52 -8.15
CA THR A 27 0.96 -8.23 -8.93
C THR A 27 -0.29 -8.40 -8.09
N PHE A 28 -1.04 -7.36 -7.99
CA PHE A 28 -2.26 -7.35 -7.27
C PHE A 28 -3.39 -7.51 -8.24
N VAL A 29 -4.03 -8.63 -8.17
CA VAL A 29 -5.17 -8.87 -8.98
C VAL A 29 -6.36 -8.55 -8.13
N ASN A 30 -7.03 -7.46 -8.42
CA ASN A 30 -8.17 -7.04 -7.62
C ASN A 30 -9.28 -8.08 -7.71
N GLY A 31 -9.98 -8.28 -6.62
CA GLY A 31 -10.99 -9.29 -6.56
C GLY A 31 -12.31 -8.83 -7.12
N ASN A 32 -13.34 -9.00 -6.32
CA ASN A 32 -14.70 -8.76 -6.80
C ASN A 32 -15.16 -7.33 -6.56
N GLN A 33 -14.46 -6.60 -5.74
CA GLN A 33 -14.85 -5.24 -5.43
C GLN A 33 -13.92 -4.23 -6.07
N PRO A 34 -14.45 -3.16 -6.64
CA PRO A 34 -13.64 -2.07 -7.15
C PRO A 34 -13.05 -1.29 -5.97
N ILE A 35 -11.83 -0.84 -6.10
CA ILE A 35 -11.18 -0.19 -4.99
C ILE A 35 -10.84 1.26 -5.32
N VAL A 36 -11.15 2.16 -4.41
CA VAL A 36 -10.90 3.58 -4.59
C VAL A 36 -9.41 3.88 -4.36
N THR A 37 -8.73 4.26 -5.41
CA THR A 37 -7.31 4.49 -5.37
C THR A 37 -7.00 5.95 -4.98
N ARG A 38 -5.82 6.19 -4.44
CA ARG A 38 -5.43 7.52 -3.98
C ARG A 38 -4.12 7.89 -4.62
N ILE A 39 -3.83 9.16 -4.72
CA ILE A 39 -2.61 9.58 -5.38
C ILE A 39 -1.71 10.44 -4.47
N GLY A 40 -0.42 10.12 -4.51
CA GLY A 40 0.62 10.89 -3.84
C GLY A 40 0.81 10.52 -2.39
N SER A 41 -0.25 10.19 -1.78
CA SER A 41 -0.28 9.87 -0.39
C SER A 41 -1.20 8.67 -0.10
N PRO A 42 -0.81 7.76 0.80
CA PRO A 42 -1.63 6.60 1.16
C PRO A 42 -2.59 6.95 2.30
N PHE A 43 -3.37 7.98 2.09
CA PHE A 43 -4.30 8.45 3.09
C PHE A 43 -5.70 8.48 2.51
N LEU A 44 -6.68 8.45 3.39
CA LEU A 44 -8.08 8.49 3.00
C LEU A 44 -8.48 9.92 2.61
N ASN A 45 -7.63 10.85 2.97
CA ASN A 45 -7.85 12.26 2.66
C ASN A 45 -7.07 12.64 1.40
N ALA A 46 -6.43 11.68 0.79
CA ALA A 46 -5.62 11.92 -0.40
C ALA A 46 -6.52 11.91 -1.64
N PRO A 47 -6.09 12.59 -2.74
CA PRO A 47 -6.88 12.69 -3.98
C PRO A 47 -7.19 11.32 -4.56
N VAL A 48 -8.41 11.16 -4.99
CA VAL A 48 -8.88 9.93 -5.55
C VAL A 48 -8.39 9.81 -6.99
N GLY A 49 -7.72 8.72 -7.26
CA GLY A 49 -7.25 8.46 -8.58
C GLY A 49 -8.35 7.87 -9.42
N GLY A 50 -9.27 7.26 -8.75
CA GLY A 50 -10.40 6.66 -9.37
C GLY A 50 -10.69 5.36 -8.70
N ASN A 51 -11.64 4.66 -9.18
CA ASN A 51 -11.86 3.33 -8.67
C ASN A 51 -11.16 2.36 -9.57
N LEU A 52 -10.40 1.50 -8.98
CA LEU A 52 -9.78 0.42 -9.69
C LEU A 52 -10.84 -0.61 -9.94
N PRO A 53 -11.01 -1.01 -11.18
CA PRO A 53 -11.99 -2.01 -11.52
C PRO A 53 -11.73 -3.35 -10.82
N ALA A 54 -12.80 -4.05 -10.53
CA ALA A 54 -12.68 -5.36 -9.96
C ALA A 54 -12.10 -6.30 -11.00
N GLY A 55 -11.12 -7.07 -10.64
CA GLY A 55 -10.48 -7.97 -11.56
C GLY A 55 -9.29 -7.34 -12.26
N ALA A 56 -8.94 -6.11 -11.90
CA ALA A 56 -7.82 -5.44 -12.51
C ALA A 56 -6.52 -5.98 -12.00
N THR A 57 -5.56 -6.02 -12.86
CA THR A 57 -4.29 -6.57 -12.60
C THR A 57 -3.28 -5.41 -12.43
N ILE A 58 -2.86 -5.21 -11.22
CA ILE A 58 -1.97 -4.13 -10.87
C ILE A 58 -0.58 -4.65 -10.57
N VAL A 59 0.40 -4.05 -11.16
CA VAL A 59 1.75 -4.34 -10.79
C VAL A 59 2.20 -3.22 -9.89
N TYR A 60 2.52 -3.54 -8.67
CA TYR A 60 2.94 -2.52 -7.74
C TYR A 60 4.37 -2.76 -7.34
N ASP A 61 4.99 -1.75 -6.78
CA ASP A 61 6.36 -1.87 -6.38
C ASP A 61 6.55 -1.61 -4.90
N GLU A 62 5.48 -1.32 -4.21
CA GLU A 62 5.60 -0.99 -2.81
C GLU A 62 4.34 -1.33 -2.09
N VAL A 63 4.45 -1.70 -0.85
CA VAL A 63 3.30 -1.89 -0.01
C VAL A 63 3.47 -0.94 1.15
N CYS A 64 2.44 -0.25 1.47
CA CYS A 64 2.49 0.77 2.48
C CYS A 64 1.41 0.49 3.53
N ILE A 65 1.65 0.88 4.75
CA ILE A 65 0.67 0.79 5.79
C ILE A 65 0.47 2.18 6.36
N GLN A 66 -0.72 2.67 6.23
CA GLN A 66 -1.09 3.98 6.69
C GLN A 66 -2.59 4.05 6.84
N ALA A 67 -3.05 4.81 7.84
CA ALA A 67 -4.46 5.04 8.12
C ALA A 67 -5.18 3.72 8.45
N GLY A 68 -4.43 2.78 9.02
CA GLY A 68 -4.95 1.49 9.40
C GLY A 68 -5.23 0.60 8.19
N HIS A 69 -4.77 1.03 7.06
CA HIS A 69 -4.97 0.32 5.83
C HIS A 69 -3.65 -0.06 5.23
N ILE A 70 -3.65 -1.12 4.48
CA ILE A 70 -2.49 -1.53 3.74
C ILE A 70 -2.71 -1.13 2.31
N TRP A 71 -1.73 -0.54 1.71
CA TRP A 71 -1.84 0.05 0.42
C TRP A 71 -0.77 -0.49 -0.45
N ILE A 72 -1.00 -0.50 -1.70
CA ILE A 72 0.01 -0.82 -2.63
C ILE A 72 0.37 0.44 -3.39
N GLY A 73 1.63 0.70 -3.46
CA GLY A 73 2.11 1.87 -4.12
C GLY A 73 2.64 1.54 -5.46
N TYR A 74 2.10 2.15 -6.46
CA TYR A 74 2.54 1.94 -7.80
C TYR A 74 2.50 3.24 -8.55
N ASN A 75 3.37 3.39 -9.49
CA ASN A 75 3.38 4.57 -10.31
C ASN A 75 2.45 4.35 -11.44
N ALA A 76 1.48 5.21 -11.57
CA ALA A 76 0.53 5.13 -12.65
C ALA A 76 1.22 5.42 -13.96
N TYR A 77 0.50 5.31 -15.03
CA TYR A 77 1.02 5.51 -16.36
C TYR A 77 1.61 6.94 -16.51
N ASN A 78 1.00 7.89 -15.83
CA ASN A 78 1.46 9.30 -15.86
C ASN A 78 2.60 9.54 -14.85
N GLY A 79 2.85 8.55 -14.00
CA GLY A 79 3.91 8.70 -13.02
C GLY A 79 3.39 9.00 -11.63
N ASN A 80 2.10 9.30 -11.55
CA ASN A 80 1.44 9.59 -10.26
C ASN A 80 1.57 8.42 -9.31
N ARG A 81 1.79 8.71 -8.04
CA ARG A 81 1.95 7.65 -7.06
C ARG A 81 0.59 7.21 -6.62
N VAL A 82 0.13 6.15 -7.17
CA VAL A 82 -1.18 5.71 -6.84
C VAL A 82 -1.10 4.63 -5.79
N TYR A 83 -1.88 4.81 -4.79
CA TYR A 83 -1.97 3.90 -3.72
C TYR A 83 -3.33 3.28 -3.76
N CYS A 84 -3.37 2.00 -3.79
CA CYS A 84 -4.60 1.29 -3.75
C CYS A 84 -4.64 0.51 -2.45
N PRO A 85 -5.68 0.69 -1.64
CA PRO A 85 -5.81 -0.06 -0.42
C PRO A 85 -6.17 -1.49 -0.76
N VAL A 86 -5.44 -2.42 -0.22
CA VAL A 86 -5.66 -3.81 -0.57
C VAL A 86 -6.20 -4.63 0.57
N ARG A 87 -6.12 -4.07 1.78
CA ARG A 87 -6.61 -4.69 2.99
C ARG A 87 -6.40 -3.76 4.15
N THR A 88 -6.92 -4.12 5.29
CA THR A 88 -6.76 -3.31 6.46
C THR A 88 -5.65 -3.87 7.32
N CYS A 89 -5.23 -3.13 8.31
CA CYS A 89 -4.21 -3.58 9.20
C CYS A 89 -4.46 -3.00 10.56
N GLN A 90 -4.57 -3.85 11.54
CA GLN A 90 -4.79 -3.42 12.89
C GLN A 90 -3.45 -3.06 13.49
N GLY A 91 -3.13 -1.80 13.45
CA GLY A 91 -1.89 -1.35 14.01
C GLY A 91 -0.79 -1.34 12.98
N VAL A 92 0.34 -0.85 13.37
CA VAL A 92 1.48 -0.75 12.48
C VAL A 92 2.54 -1.78 12.83
N PRO A 93 3.38 -2.18 11.85
CA PRO A 93 4.42 -3.19 12.08
C PRO A 93 5.49 -2.73 13.10
N PRO A 94 6.36 -3.67 13.60
CA PRO A 94 6.43 -5.07 13.14
C PRO A 94 5.19 -5.88 13.47
N ASN A 95 4.46 -5.46 14.48
CA ASN A 95 3.27 -6.17 14.84
C ASN A 95 2.10 -5.60 14.09
N GLN A 96 2.00 -6.00 12.86
CA GLN A 96 0.92 -5.60 12.02
C GLN A 96 -0.08 -6.73 11.96
N ILE A 97 -1.30 -6.42 11.75
CA ILE A 97 -2.32 -7.42 11.67
C ILE A 97 -3.14 -7.18 10.40
N PRO A 98 -2.70 -7.75 9.30
CA PRO A 98 -3.36 -7.57 8.03
C PRO A 98 -4.67 -8.34 7.93
N GLY A 99 -5.69 -7.66 7.45
CA GLY A 99 -6.98 -8.27 7.26
C GLY A 99 -7.10 -8.98 5.93
N VAL A 100 -8.31 -9.27 5.52
CA VAL A 100 -8.56 -9.99 4.29
C VAL A 100 -8.20 -9.13 3.07
N ALA A 101 -7.45 -9.71 2.17
CA ALA A 101 -7.07 -9.07 0.95
C ALA A 101 -8.23 -8.93 0.04
N TRP A 102 -8.31 -7.82 -0.62
CA TRP A 102 -9.37 -7.55 -1.55
C TRP A 102 -8.99 -8.01 -2.94
N GLY A 103 -7.91 -8.74 -3.03
CA GLY A 103 -7.43 -9.26 -4.27
C GLY A 103 -6.36 -10.31 -4.05
N VAL A 104 -5.58 -10.56 -5.06
CA VAL A 104 -4.51 -11.56 -5.01
C VAL A 104 -3.17 -10.85 -5.09
N PHE A 105 -2.15 -11.47 -4.58
CA PHE A 105 -0.82 -10.94 -4.62
C PHE A 105 0.10 -11.96 -5.28
N LYS A 106 0.44 -11.72 -6.52
CA LYS A 106 1.42 -12.55 -7.19
C LYS A 106 2.77 -11.95 -6.88
N GLU A 1 29.41 6.36 0.83
CA GLU A 1 28.13 6.68 1.45
C GLU A 1 27.90 5.71 2.61
N THR A 2 27.16 6.14 3.61
CA THR A 2 26.88 5.32 4.75
C THR A 2 25.47 4.78 4.64
N PRO A 3 25.29 3.45 4.64
CA PRO A 3 23.96 2.84 4.63
C PRO A 3 23.25 3.12 5.97
N ALA A 4 22.47 4.17 6.01
CA ALA A 4 21.75 4.56 7.20
C ALA A 4 20.26 4.43 6.98
N THR A 5 19.92 3.81 5.88
CA THR A 5 18.54 3.65 5.45
C THR A 5 18.03 2.27 5.93
N ARG A 6 18.62 1.81 7.01
CA ARG A 6 18.34 0.53 7.63
C ARG A 6 16.90 0.43 8.16
N PRO A 7 16.22 -0.69 7.86
CA PRO A 7 14.87 -0.95 8.33
C PRO A 7 14.84 -1.10 9.86
N VAL A 8 13.84 -0.57 10.49
CA VAL A 8 13.78 -0.58 11.95
C VAL A 8 13.16 -1.86 12.52
N THR A 9 12.19 -2.44 11.82
CA THR A 9 11.59 -3.65 12.30
C THR A 9 12.22 -4.87 11.64
N GLY A 10 12.69 -4.67 10.43
CA GLY A 10 13.30 -5.75 9.71
C GLY A 10 12.84 -5.79 8.30
N SER A 11 11.61 -6.14 8.11
CA SER A 11 11.04 -6.24 6.79
C SER A 11 10.37 -4.93 6.39
N TRP A 12 10.03 -4.10 7.36
CA TRP A 12 9.36 -2.87 7.10
C TRP A 12 10.20 -1.66 7.50
N LYS A 13 9.96 -0.59 6.81
CA LYS A 13 10.64 0.67 6.99
C LYS A 13 9.58 1.73 7.20
N LYS A 14 9.86 2.75 7.93
CA LYS A 14 8.91 3.81 8.09
C LYS A 14 9.49 5.09 7.54
N ASN A 15 8.72 5.79 6.77
CA ASN A 15 9.19 7.02 6.15
C ASN A 15 8.87 8.25 7.00
N GLN A 16 9.18 9.41 6.45
CA GLN A 16 9.01 10.71 7.10
C GLN A 16 7.56 11.07 7.42
N TYR A 17 6.62 10.43 6.76
CA TYR A 17 5.22 10.70 7.01
C TYR A 17 4.66 9.74 8.07
N GLY A 18 5.50 8.81 8.50
CA GLY A 18 5.09 7.83 9.48
C GLY A 18 4.39 6.66 8.82
N THR A 19 4.58 6.56 7.53
CA THR A 19 4.04 5.50 6.76
C THR A 19 5.03 4.36 6.72
N TRP A 20 4.59 3.18 7.07
CA TRP A 20 5.42 2.01 6.98
C TRP A 20 5.32 1.51 5.59
N TYR A 21 6.41 1.16 5.01
CA TYR A 21 6.41 0.71 3.66
C TYR A 21 7.51 -0.29 3.45
N LYS A 22 7.39 -1.02 2.39
CA LYS A 22 8.41 -1.90 1.95
C LYS A 22 8.34 -2.02 0.44
N PRO A 23 9.48 -2.15 -0.21
CA PRO A 23 9.55 -2.35 -1.64
C PRO A 23 9.11 -3.78 -1.98
N GLU A 24 8.17 -3.91 -2.87
CA GLU A 24 7.68 -5.22 -3.23
C GLU A 24 7.15 -5.19 -4.64
N ASN A 25 7.66 -6.04 -5.47
CA ASN A 25 7.26 -6.11 -6.86
C ASN A 25 6.29 -7.26 -7.04
N ALA A 26 5.05 -6.94 -7.26
CA ALA A 26 4.04 -7.97 -7.43
C ALA A 26 2.87 -7.48 -8.23
N THR A 27 2.08 -8.41 -8.68
CA THR A 27 0.91 -8.15 -9.42
C THR A 27 -0.31 -8.39 -8.53
N PHE A 28 -1.08 -7.37 -8.36
CA PHE A 28 -2.27 -7.42 -7.58
C PHE A 28 -3.44 -7.60 -8.49
N VAL A 29 -4.21 -8.59 -8.23
CA VAL A 29 -5.39 -8.84 -9.01
C VAL A 29 -6.56 -8.62 -8.09
N ASN A 30 -7.29 -7.56 -8.32
CA ASN A 30 -8.42 -7.22 -7.47
C ASN A 30 -9.51 -8.27 -7.57
N GLY A 31 -10.20 -8.51 -6.49
CA GLY A 31 -11.18 -9.55 -6.42
C GLY A 31 -12.55 -9.17 -6.94
N ASN A 32 -13.48 -9.04 -6.02
CA ASN A 32 -14.89 -8.88 -6.34
C ASN A 32 -15.34 -7.42 -6.20
N GLN A 33 -14.68 -6.68 -5.39
CA GLN A 33 -15.09 -5.30 -5.15
C GLN A 33 -14.11 -4.30 -5.74
N PRO A 34 -14.61 -3.29 -6.46
CA PRO A 34 -13.75 -2.23 -6.98
C PRO A 34 -13.15 -1.39 -5.84
N ILE A 35 -11.91 -1.01 -5.98
CA ILE A 35 -11.22 -0.34 -4.91
C ILE A 35 -10.87 1.09 -5.28
N VAL A 36 -11.09 2.03 -4.38
CA VAL A 36 -10.81 3.43 -4.64
C VAL A 36 -9.30 3.67 -4.52
N THR A 37 -8.68 4.16 -5.58
CA THR A 37 -7.25 4.40 -5.55
C THR A 37 -6.96 5.86 -5.18
N ARG A 38 -5.78 6.13 -4.68
CA ARG A 38 -5.43 7.45 -4.18
C ARG A 38 -4.12 7.88 -4.77
N ILE A 39 -3.91 9.16 -4.86
CA ILE A 39 -2.73 9.68 -5.48
C ILE A 39 -1.76 10.37 -4.51
N GLY A 40 -0.47 10.10 -4.73
CA GLY A 40 0.63 10.71 -4.03
C GLY A 40 0.96 10.03 -2.73
N SER A 41 -0.04 9.82 -1.96
CA SER A 41 0.11 9.35 -0.61
C SER A 41 -0.92 8.27 -0.29
N PRO A 42 -0.61 7.38 0.68
CA PRO A 42 -1.50 6.33 1.11
C PRO A 42 -2.41 6.79 2.26
N PHE A 43 -3.30 7.71 1.98
CA PHE A 43 -4.23 8.22 2.97
C PHE A 43 -5.61 8.21 2.38
N LEU A 44 -6.60 8.18 3.24
CA LEU A 44 -8.00 8.14 2.82
C LEU A 44 -8.45 9.50 2.34
N ASN A 45 -7.76 10.55 2.75
CA ASN A 45 -8.10 11.91 2.31
C ASN A 45 -7.20 12.36 1.19
N ALA A 46 -6.54 11.42 0.56
CA ALA A 46 -5.72 11.71 -0.58
C ALA A 46 -6.62 11.72 -1.82
N PRO A 47 -6.24 12.49 -2.87
CA PRO A 47 -7.04 12.59 -4.10
C PRO A 47 -7.27 11.22 -4.75
N VAL A 48 -8.44 11.03 -5.31
CA VAL A 48 -8.84 9.78 -5.90
C VAL A 48 -8.22 9.65 -7.28
N GLY A 49 -7.51 8.57 -7.51
CA GLY A 49 -6.85 8.36 -8.78
C GLY A 49 -7.68 7.51 -9.70
N GLY A 50 -8.88 7.26 -9.29
CA GLY A 50 -9.78 6.45 -10.02
C GLY A 50 -10.22 5.30 -9.18
N ASN A 51 -11.17 4.56 -9.61
CA ASN A 51 -11.62 3.43 -8.86
C ASN A 51 -11.28 2.20 -9.63
N LEU A 52 -10.44 1.39 -9.06
CA LEU A 52 -9.95 0.19 -9.69
C LEU A 52 -11.05 -0.81 -9.83
N PRO A 53 -11.28 -1.30 -11.03
CA PRO A 53 -12.28 -2.30 -11.28
C PRO A 53 -11.99 -3.62 -10.56
N ALA A 54 -13.02 -4.38 -10.34
CA ALA A 54 -12.91 -5.68 -9.75
C ALA A 54 -12.40 -6.65 -10.80
N GLY A 55 -11.37 -7.38 -10.48
CA GLY A 55 -10.76 -8.27 -11.44
C GLY A 55 -9.73 -7.56 -12.29
N ALA A 56 -9.21 -6.44 -11.80
CA ALA A 56 -8.22 -5.68 -12.50
C ALA A 56 -6.82 -6.07 -12.06
N THR A 57 -5.90 -6.04 -12.97
CA THR A 57 -4.54 -6.38 -12.74
C THR A 57 -3.67 -5.12 -12.50
N ILE A 58 -3.05 -5.06 -11.37
CA ILE A 58 -2.18 -3.97 -10.99
C ILE A 58 -0.78 -4.50 -10.75
N VAL A 59 0.21 -3.82 -11.26
CA VAL A 59 1.57 -4.17 -10.93
C VAL A 59 2.09 -3.06 -10.04
N TYR A 60 2.44 -3.39 -8.84
CA TYR A 60 2.92 -2.39 -7.91
C TYR A 60 4.39 -2.58 -7.63
N ASP A 61 4.96 -1.64 -6.91
CA ASP A 61 6.36 -1.71 -6.56
C ASP A 61 6.57 -1.44 -5.08
N GLU A 62 5.49 -1.26 -4.33
CA GLU A 62 5.63 -0.91 -2.94
C GLU A 62 4.36 -1.27 -2.19
N VAL A 63 4.49 -1.53 -0.91
CA VAL A 63 3.36 -1.75 -0.04
C VAL A 63 3.53 -0.80 1.12
N CYS A 64 2.50 -0.13 1.50
CA CYS A 64 2.53 0.82 2.59
C CYS A 64 1.43 0.52 3.60
N ILE A 65 1.64 0.94 4.82
CA ILE A 65 0.66 0.83 5.88
C ILE A 65 0.43 2.22 6.45
N GLN A 66 -0.76 2.72 6.27
CA GLN A 66 -1.13 4.03 6.75
C GLN A 66 -2.64 4.15 6.73
N ALA A 67 -3.19 4.96 7.63
CA ALA A 67 -4.63 5.21 7.73
C ALA A 67 -5.37 3.91 8.05
N GLY A 68 -4.68 3.02 8.75
CA GLY A 68 -5.22 1.74 9.15
C GLY A 68 -5.39 0.77 8.00
N HIS A 69 -4.88 1.13 6.86
CA HIS A 69 -4.99 0.33 5.68
C HIS A 69 -3.64 -0.04 5.16
N ILE A 70 -3.59 -1.10 4.40
CA ILE A 70 -2.40 -1.50 3.72
C ILE A 70 -2.60 -1.15 2.27
N TRP A 71 -1.62 -0.54 1.68
CA TRP A 71 -1.75 0.03 0.37
C TRP A 71 -0.67 -0.48 -0.51
N ILE A 72 -0.91 -0.50 -1.76
CA ILE A 72 0.10 -0.80 -2.72
C ILE A 72 0.44 0.47 -3.47
N GLY A 73 1.70 0.69 -3.65
CA GLY A 73 2.15 1.86 -4.32
C GLY A 73 2.68 1.54 -5.68
N TYR A 74 2.22 2.26 -6.64
CA TYR A 74 2.65 2.10 -7.99
C TYR A 74 2.63 3.45 -8.65
N ASN A 75 3.13 3.53 -9.83
CA ASN A 75 3.13 4.78 -10.55
C ASN A 75 2.15 4.75 -11.66
N ALA A 76 1.51 5.86 -11.87
CA ALA A 76 0.59 6.00 -12.97
C ALA A 76 1.39 6.31 -14.22
N TYR A 77 0.72 6.43 -15.34
CA TYR A 77 1.36 6.75 -16.61
C TYR A 77 2.06 8.12 -16.55
N ASN A 78 1.54 9.02 -15.70
CA ASN A 78 2.18 10.34 -15.45
C ASN A 78 3.46 10.18 -14.64
N GLY A 79 3.59 9.05 -14.00
CA GLY A 79 4.68 8.83 -13.09
C GLY A 79 4.28 9.20 -11.68
N ASN A 80 3.02 9.63 -11.56
CA ASN A 80 2.47 10.06 -10.26
C ASN A 80 2.31 8.84 -9.39
N ARG A 81 2.35 9.02 -8.11
CA ARG A 81 2.25 7.92 -7.20
C ARG A 81 0.80 7.60 -7.01
N VAL A 82 0.45 6.37 -7.18
CA VAL A 82 -0.91 5.98 -6.96
C VAL A 82 -0.92 4.82 -6.00
N TYR A 83 -1.80 4.90 -5.07
CA TYR A 83 -1.95 3.90 -4.06
C TYR A 83 -3.31 3.30 -4.14
N CYS A 84 -3.39 2.09 -3.73
CA CYS A 84 -4.62 1.37 -3.67
C CYS A 84 -4.60 0.54 -2.43
N PRO A 85 -5.63 0.61 -1.60
CA PRO A 85 -5.70 -0.20 -0.41
C PRO A 85 -6.02 -1.63 -0.78
N VAL A 86 -5.33 -2.55 -0.21
CA VAL A 86 -5.49 -3.95 -0.57
C VAL A 86 -6.01 -4.79 0.58
N ARG A 87 -5.97 -4.23 1.77
CA ARG A 87 -6.42 -4.88 2.99
C ARG A 87 -6.30 -3.89 4.12
N THR A 88 -6.85 -4.22 5.24
CA THR A 88 -6.79 -3.34 6.39
C THR A 88 -5.65 -3.79 7.31
N CYS A 89 -5.27 -2.95 8.24
CA CYS A 89 -4.25 -3.28 9.19
C CYS A 89 -4.57 -2.64 10.50
N GLN A 90 -4.71 -3.44 11.52
CA GLN A 90 -4.90 -2.94 12.83
C GLN A 90 -3.53 -2.68 13.40
N GLY A 91 -3.24 -1.45 13.66
CA GLY A 91 -1.96 -1.09 14.18
C GLY A 91 -0.92 -0.96 13.10
N VAL A 92 0.31 -0.88 13.51
CA VAL A 92 1.45 -0.78 12.63
C VAL A 92 2.50 -1.79 13.06
N PRO A 93 3.38 -2.22 12.15
CA PRO A 93 4.40 -3.21 12.46
C PRO A 93 5.36 -2.76 13.60
N PRO A 94 6.12 -3.71 14.22
CA PRO A 94 6.21 -5.11 13.77
C PRO A 94 4.92 -5.88 13.97
N ASN A 95 4.13 -5.46 14.92
CA ASN A 95 2.89 -6.12 15.16
C ASN A 95 1.81 -5.46 14.37
N GLN A 96 1.78 -5.79 13.12
CA GLN A 96 0.77 -5.33 12.23
C GLN A 96 -0.29 -6.41 12.19
N ILE A 97 -1.48 -6.04 12.05
CA ILE A 97 -2.56 -7.00 12.00
C ILE A 97 -3.31 -6.81 10.70
N PRO A 98 -2.87 -7.49 9.66
CA PRO A 98 -3.47 -7.36 8.35
C PRO A 98 -4.77 -8.14 8.21
N GLY A 99 -5.77 -7.50 7.68
CA GLY A 99 -7.03 -8.13 7.45
C GLY A 99 -7.04 -8.89 6.14
N VAL A 100 -8.20 -9.36 5.75
CA VAL A 100 -8.34 -10.14 4.53
C VAL A 100 -7.99 -9.28 3.31
N ALA A 101 -7.24 -9.86 2.39
CA ALA A 101 -6.86 -9.17 1.18
C ALA A 101 -8.04 -9.06 0.25
N TRP A 102 -8.09 -7.96 -0.45
CA TRP A 102 -9.15 -7.71 -1.39
C TRP A 102 -8.74 -8.14 -2.79
N GLY A 103 -7.65 -8.87 -2.87
CA GLY A 103 -7.18 -9.35 -4.11
C GLY A 103 -6.03 -10.27 -3.95
N VAL A 104 -5.48 -10.66 -5.05
CA VAL A 104 -4.38 -11.60 -5.10
C VAL A 104 -3.09 -10.84 -5.20
N PHE A 105 -2.04 -11.41 -4.69
CA PHE A 105 -0.74 -10.84 -4.75
C PHE A 105 0.18 -11.84 -5.44
N LYS A 106 0.48 -11.58 -6.69
CA LYS A 106 1.37 -12.42 -7.44
C LYS A 106 2.77 -11.83 -7.35
N GLU A 1 23.18 14.13 20.56
CA GLU A 1 24.22 14.24 19.55
C GLU A 1 24.35 12.93 18.77
N THR A 2 24.91 11.92 19.40
CA THR A 2 25.07 10.63 18.79
C THR A 2 23.70 9.92 18.76
N PRO A 3 23.13 9.68 17.57
CA PRO A 3 21.83 9.06 17.46
C PRO A 3 21.88 7.56 17.68
N ALA A 4 21.03 7.08 18.55
CA ALA A 4 20.95 5.65 18.86
C ALA A 4 20.03 4.96 17.87
N THR A 5 20.20 5.27 16.61
CA THR A 5 19.42 4.75 15.55
C THR A 5 19.68 3.26 15.33
N ARG A 6 18.78 2.46 15.83
CA ARG A 6 18.88 1.02 15.80
C ARG A 6 18.14 0.46 14.59
N PRO A 7 18.52 -0.74 14.14
CA PRO A 7 17.84 -1.40 13.04
C PRO A 7 16.43 -1.83 13.44
N VAL A 8 15.45 -1.08 13.01
CA VAL A 8 14.08 -1.38 13.30
C VAL A 8 13.49 -2.06 12.08
N THR A 9 12.70 -3.10 12.32
CA THR A 9 11.99 -3.88 11.30
C THR A 9 12.89 -4.52 10.23
N GLY A 10 13.25 -3.76 9.22
CA GLY A 10 14.12 -4.28 8.18
C GLY A 10 13.43 -4.35 6.87
N SER A 11 12.34 -5.06 6.82
CA SER A 11 11.54 -5.15 5.64
C SER A 11 10.79 -3.84 5.45
N TRP A 12 9.90 -3.58 6.37
CA TRP A 12 9.16 -2.35 6.42
C TRP A 12 10.04 -1.28 7.01
N LYS A 13 9.92 -0.10 6.52
CA LYS A 13 10.61 1.04 7.05
C LYS A 13 9.60 2.14 7.14
N LYS A 14 9.79 3.07 8.01
CA LYS A 14 8.85 4.13 8.15
C LYS A 14 9.37 5.39 7.50
N ASN A 15 8.53 6.05 6.76
CA ASN A 15 8.91 7.28 6.08
C ASN A 15 8.51 8.49 6.90
N GLN A 16 8.78 9.68 6.36
CA GLN A 16 8.53 10.96 7.05
C GLN A 16 7.04 11.22 7.36
N TYR A 17 6.16 10.47 6.72
CA TYR A 17 4.73 10.62 6.96
C TYR A 17 4.31 9.74 8.14
N GLY A 18 5.27 9.01 8.68
CA GLY A 18 4.99 8.04 9.71
C GLY A 18 4.24 6.87 9.13
N THR A 19 4.50 6.63 7.87
CA THR A 19 3.92 5.56 7.14
C THR A 19 4.95 4.47 6.97
N TRP A 20 4.56 3.24 7.19
CA TRP A 20 5.45 2.13 7.01
C TRP A 20 5.31 1.63 5.62
N TYR A 21 6.41 1.39 4.97
CA TYR A 21 6.40 0.92 3.63
C TYR A 21 7.45 -0.15 3.46
N LYS A 22 7.24 -1.02 2.53
CA LYS A 22 8.22 -2.00 2.18
C LYS A 22 8.27 -2.09 0.67
N PRO A 23 9.43 -2.34 0.13
CA PRO A 23 9.59 -2.58 -1.29
C PRO A 23 9.11 -3.99 -1.61
N GLU A 24 8.19 -4.09 -2.52
CA GLU A 24 7.68 -5.37 -2.90
C GLU A 24 7.09 -5.26 -4.29
N ASN A 25 7.56 -6.05 -5.18
CA ASN A 25 7.08 -6.03 -6.53
C ASN A 25 6.19 -7.21 -6.74
N ALA A 26 4.93 -6.95 -6.85
CA ALA A 26 3.99 -8.04 -7.02
C ALA A 26 2.82 -7.61 -7.84
N THR A 27 2.06 -8.57 -8.29
CA THR A 27 0.91 -8.33 -9.06
C THR A 27 -0.34 -8.49 -8.20
N PHE A 28 -1.07 -7.43 -8.08
CA PHE A 28 -2.28 -7.42 -7.33
C PHE A 28 -3.43 -7.59 -8.28
N VAL A 29 -4.08 -8.69 -8.18
CA VAL A 29 -5.24 -8.95 -8.98
C VAL A 29 -6.42 -8.65 -8.10
N ASN A 30 -7.12 -7.59 -8.40
CA ASN A 30 -8.27 -7.18 -7.59
C ASN A 30 -9.36 -8.26 -7.62
N GLY A 31 -10.05 -8.39 -6.52
CA GLY A 31 -11.05 -9.39 -6.36
C GLY A 31 -12.38 -9.04 -6.98
N ASN A 32 -13.38 -8.97 -6.15
CA ASN A 32 -14.76 -8.83 -6.62
C ASN A 32 -15.26 -7.42 -6.53
N GLN A 33 -14.54 -6.58 -5.86
CA GLN A 33 -15.01 -5.26 -5.62
C GLN A 33 -14.05 -4.23 -6.18
N PRO A 34 -14.56 -3.18 -6.82
CA PRO A 34 -13.72 -2.10 -7.31
C PRO A 34 -13.14 -1.30 -6.13
N ILE A 35 -11.91 -0.86 -6.26
CA ILE A 35 -11.25 -0.22 -5.15
C ILE A 35 -10.93 1.25 -5.48
N VAL A 36 -11.07 2.11 -4.52
CA VAL A 36 -10.81 3.54 -4.71
C VAL A 36 -9.32 3.81 -4.52
N THR A 37 -8.67 4.28 -5.56
CA THR A 37 -7.24 4.49 -5.53
C THR A 37 -6.91 5.95 -5.14
N ARG A 38 -5.74 6.17 -4.56
CA ARG A 38 -5.30 7.49 -4.09
C ARG A 38 -4.02 7.87 -4.79
N ILE A 39 -3.68 9.13 -4.79
CA ILE A 39 -2.49 9.59 -5.46
C ILE A 39 -1.58 10.40 -4.56
N GLY A 40 -0.29 10.11 -4.65
CA GLY A 40 0.76 10.85 -3.98
C GLY A 40 1.07 10.30 -2.63
N SER A 41 0.04 10.08 -1.89
CA SER A 41 0.15 9.67 -0.52
C SER A 41 -0.89 8.57 -0.20
N PRO A 42 -0.57 7.62 0.68
CA PRO A 42 -1.49 6.57 1.08
C PRO A 42 -2.38 7.00 2.26
N PHE A 43 -3.42 7.74 1.96
CA PHE A 43 -4.35 8.21 2.96
C PHE A 43 -5.73 8.23 2.38
N LEU A 44 -6.73 8.17 3.23
CA LEU A 44 -8.12 8.26 2.81
C LEU A 44 -8.44 9.72 2.49
N ASN A 45 -7.57 10.58 2.98
CA ASN A 45 -7.65 12.03 2.80
C ASN A 45 -6.89 12.46 1.56
N ALA A 46 -6.36 11.51 0.83
CA ALA A 46 -5.55 11.79 -0.32
C ALA A 46 -6.41 11.91 -1.58
N PRO A 47 -5.92 12.61 -2.63
CA PRO A 47 -6.61 12.74 -3.92
C PRO A 47 -6.90 11.38 -4.54
N VAL A 48 -7.99 11.28 -5.24
CA VAL A 48 -8.45 10.03 -5.80
C VAL A 48 -7.88 9.84 -7.21
N GLY A 49 -7.42 8.64 -7.49
CA GLY A 49 -6.91 8.32 -8.80
C GLY A 49 -7.98 7.71 -9.67
N GLY A 50 -9.04 7.31 -9.03
CA GLY A 50 -10.13 6.69 -9.73
C GLY A 50 -10.45 5.40 -9.06
N ASN A 51 -11.39 4.67 -9.57
CA ASN A 51 -11.68 3.38 -9.01
C ASN A 51 -11.09 2.29 -9.87
N LEU A 52 -10.37 1.42 -9.26
CA LEU A 52 -9.82 0.28 -9.92
C LEU A 52 -10.91 -0.75 -10.10
N PRO A 53 -11.10 -1.24 -11.32
CA PRO A 53 -12.09 -2.25 -11.59
C PRO A 53 -11.80 -3.56 -10.86
N ALA A 54 -12.82 -4.32 -10.62
CA ALA A 54 -12.69 -5.62 -10.00
C ALA A 54 -12.10 -6.58 -11.02
N GLY A 55 -11.16 -7.39 -10.60
CA GLY A 55 -10.50 -8.32 -11.50
C GLY A 55 -9.33 -7.70 -12.26
N ALA A 56 -8.99 -6.46 -11.94
CA ALA A 56 -7.90 -5.77 -12.61
C ALA A 56 -6.54 -6.25 -12.11
N THR A 57 -5.58 -6.28 -13.01
CA THR A 57 -4.24 -6.72 -12.70
C THR A 57 -3.30 -5.53 -12.51
N ILE A 58 -2.94 -5.29 -11.29
CA ILE A 58 -2.03 -4.22 -10.91
C ILE A 58 -0.65 -4.78 -10.65
N VAL A 59 0.36 -4.06 -11.05
CA VAL A 59 1.69 -4.42 -10.67
C VAL A 59 2.25 -3.29 -9.81
N TYR A 60 2.54 -3.59 -8.58
CA TYR A 60 3.00 -2.57 -7.67
C TYR A 60 4.45 -2.78 -7.31
N ASP A 61 5.04 -1.79 -6.69
CA ASP A 61 6.44 -1.85 -6.32
C ASP A 61 6.62 -1.60 -4.84
N GLU A 62 5.56 -1.29 -4.15
CA GLU A 62 5.68 -0.94 -2.75
C GLU A 62 4.39 -1.25 -2.04
N VAL A 63 4.47 -1.49 -0.77
CA VAL A 63 3.31 -1.68 0.06
C VAL A 63 3.47 -0.75 1.24
N CYS A 64 2.43 -0.06 1.61
CA CYS A 64 2.46 0.85 2.72
C CYS A 64 1.35 0.55 3.70
N ILE A 65 1.54 0.95 4.92
CA ILE A 65 0.54 0.80 5.97
C ILE A 65 0.27 2.17 6.57
N GLN A 66 -0.95 2.63 6.44
CA GLN A 66 -1.35 3.92 6.96
C GLN A 66 -2.87 3.98 6.99
N ALA A 67 -3.41 4.73 7.94
CA ALA A 67 -4.85 4.95 8.11
C ALA A 67 -5.55 3.62 8.40
N GLY A 68 -4.81 2.70 9.03
CA GLY A 68 -5.34 1.38 9.35
C GLY A 68 -5.50 0.49 8.12
N HIS A 69 -5.02 0.95 7.00
CA HIS A 69 -5.14 0.23 5.77
C HIS A 69 -3.79 -0.09 5.20
N ILE A 70 -3.74 -1.12 4.41
CA ILE A 70 -2.55 -1.49 3.71
C ILE A 70 -2.74 -1.06 2.27
N TRP A 71 -1.73 -0.45 1.73
CA TRP A 71 -1.81 0.16 0.43
C TRP A 71 -0.71 -0.36 -0.43
N ILE A 72 -0.96 -0.43 -1.68
CA ILE A 72 0.06 -0.77 -2.61
C ILE A 72 0.45 0.48 -3.37
N GLY A 73 1.72 0.65 -3.56
CA GLY A 73 2.20 1.80 -4.23
C GLY A 73 2.71 1.47 -5.58
N TYR A 74 2.20 2.17 -6.56
CA TYR A 74 2.62 2.03 -7.91
C TYR A 74 2.48 3.39 -8.58
N ASN A 75 2.90 3.53 -9.78
CA ASN A 75 2.78 4.78 -10.48
C ASN A 75 1.98 4.60 -11.71
N ALA A 76 1.06 5.49 -11.93
CA ALA A 76 0.23 5.46 -13.12
C ALA A 76 0.99 6.09 -14.27
N TYR A 77 0.38 6.12 -15.46
CA TYR A 77 1.02 6.65 -16.67
C TYR A 77 1.56 8.07 -16.49
N ASN A 78 0.79 8.93 -15.83
CA ASN A 78 1.21 10.33 -15.61
C ASN A 78 2.34 10.41 -14.56
N GLY A 79 2.63 9.30 -13.92
CA GLY A 79 3.65 9.26 -12.89
C GLY A 79 3.05 9.41 -11.53
N ASN A 80 1.73 9.42 -11.51
CA ASN A 80 0.94 9.56 -10.29
C ASN A 80 1.28 8.44 -9.35
N ARG A 81 1.61 8.77 -8.12
CA ARG A 81 1.91 7.73 -7.15
C ARG A 81 0.60 7.19 -6.64
N VAL A 82 0.15 6.17 -7.23
CA VAL A 82 -1.16 5.68 -6.91
C VAL A 82 -1.07 4.64 -5.85
N TYR A 83 -1.85 4.84 -4.84
CA TYR A 83 -1.96 3.93 -3.75
C TYR A 83 -3.32 3.33 -3.72
N CYS A 84 -3.37 2.06 -3.84
CA CYS A 84 -4.61 1.34 -3.79
C CYS A 84 -4.64 0.56 -2.50
N PRO A 85 -5.69 0.70 -1.69
CA PRO A 85 -5.83 -0.06 -0.48
C PRO A 85 -6.16 -1.50 -0.86
N VAL A 86 -5.47 -2.42 -0.28
CA VAL A 86 -5.65 -3.81 -0.65
C VAL A 86 -6.16 -4.67 0.47
N ARG A 87 -6.12 -4.12 1.68
CA ARG A 87 -6.55 -4.81 2.88
C ARG A 87 -6.38 -3.87 4.04
N THR A 88 -6.83 -4.26 5.18
CA THR A 88 -6.71 -3.48 6.38
C THR A 88 -5.51 -3.93 7.21
N CYS A 89 -5.14 -3.15 8.20
CA CYS A 89 -4.09 -3.51 9.11
C CYS A 89 -4.35 -2.88 10.45
N GLN A 90 -4.51 -3.71 11.44
CA GLN A 90 -4.75 -3.25 12.76
C GLN A 90 -3.43 -2.85 13.40
N GLY A 91 -3.07 -1.61 13.24
CA GLY A 91 -1.85 -1.13 13.83
C GLY A 91 -0.71 -1.14 12.85
N VAL A 92 0.46 -0.82 13.33
CA VAL A 92 1.64 -0.76 12.52
C VAL A 92 2.61 -1.88 12.89
N PRO A 93 3.53 -2.25 11.97
CA PRO A 93 4.55 -3.28 12.22
C PRO A 93 5.53 -2.88 13.37
N PRO A 94 6.43 -3.79 13.85
CA PRO A 94 6.60 -5.17 13.32
C PRO A 94 5.39 -6.06 13.53
N ASN A 95 4.61 -5.75 14.53
CA ASN A 95 3.41 -6.49 14.78
C ASN A 95 2.25 -5.85 14.07
N GLN A 96 2.18 -6.13 12.79
CA GLN A 96 1.11 -5.64 11.97
C GLN A 96 0.07 -6.73 11.88
N ILE A 97 -1.13 -6.36 11.70
CA ILE A 97 -2.22 -7.30 11.65
C ILE A 97 -3.05 -7.03 10.41
N PRO A 98 -2.66 -7.63 9.28
CA PRO A 98 -3.36 -7.44 8.03
C PRO A 98 -4.67 -8.21 7.98
N GLY A 99 -5.73 -7.51 7.65
CA GLY A 99 -7.05 -8.11 7.55
C GLY A 99 -7.26 -8.80 6.22
N VAL A 100 -8.50 -9.05 5.87
CA VAL A 100 -8.83 -9.76 4.64
C VAL A 100 -8.37 -8.95 3.41
N ALA A 101 -7.74 -9.63 2.47
CA ALA A 101 -7.28 -9.00 1.27
C ALA A 101 -8.39 -8.83 0.27
N TRP A 102 -8.31 -7.78 -0.49
CA TRP A 102 -9.31 -7.46 -1.48
C TRP A 102 -8.90 -7.97 -2.85
N GLY A 103 -7.89 -8.82 -2.87
CA GLY A 103 -7.43 -9.38 -4.10
C GLY A 103 -6.29 -10.34 -3.87
N VAL A 104 -5.61 -10.66 -4.93
CA VAL A 104 -4.51 -11.61 -4.90
C VAL A 104 -3.22 -10.83 -5.02
N PHE A 105 -2.17 -11.39 -4.51
CA PHE A 105 -0.88 -10.82 -4.59
C PHE A 105 0.05 -11.85 -5.17
N LYS A 106 0.41 -11.68 -6.41
CA LYS A 106 1.34 -12.56 -7.04
C LYS A 106 2.70 -11.91 -6.97
N GLU A 1 16.39 11.64 2.17
CA GLU A 1 14.95 11.89 2.12
C GLU A 1 14.22 10.68 2.69
N THR A 2 14.34 9.57 2.00
CA THR A 2 13.76 8.34 2.43
C THR A 2 14.84 7.57 3.22
N PRO A 3 14.58 7.26 4.50
CA PRO A 3 15.57 6.64 5.36
C PRO A 3 15.85 5.18 5.04
N ALA A 4 16.94 4.94 4.33
CA ALA A 4 17.38 3.60 4.03
C ALA A 4 18.09 3.07 5.26
N THR A 5 19.06 3.82 5.70
CA THR A 5 19.76 3.53 6.91
C THR A 5 19.00 4.17 8.07
N ARG A 6 18.44 3.34 8.91
CA ARG A 6 17.63 3.79 10.01
C ARG A 6 17.47 2.65 11.00
N PRO A 7 17.51 2.92 12.30
CA PRO A 7 17.25 1.91 13.30
C PRO A 7 15.74 1.64 13.36
N VAL A 8 15.32 0.69 12.59
CA VAL A 8 13.93 0.37 12.47
C VAL A 8 13.71 -1.11 12.78
N THR A 9 12.64 -1.41 13.43
CA THR A 9 12.35 -2.75 13.80
C THR A 9 11.30 -3.34 12.85
N GLY A 10 11.54 -4.55 12.40
CA GLY A 10 10.65 -5.22 11.49
C GLY A 10 11.22 -5.24 10.08
N SER A 11 10.48 -5.82 9.15
CA SER A 11 10.91 -5.88 7.76
C SER A 11 10.37 -4.68 6.99
N TRP A 12 9.57 -3.90 7.66
CA TRP A 12 8.99 -2.71 7.11
C TRP A 12 9.84 -1.53 7.48
N LYS A 13 9.71 -0.48 6.74
CA LYS A 13 10.47 0.72 6.97
C LYS A 13 9.52 1.86 7.11
N LYS A 14 9.76 2.72 8.02
CA LYS A 14 8.89 3.85 8.25
C LYS A 14 9.48 5.10 7.65
N ASN A 15 8.68 5.84 6.96
CA ASN A 15 9.12 7.07 6.34
C ASN A 15 8.83 8.27 7.25
N GLN A 16 9.15 9.46 6.76
CA GLN A 16 9.01 10.72 7.51
C GLN A 16 7.53 11.08 7.79
N TYR A 17 6.61 10.45 7.09
CA TYR A 17 5.18 10.70 7.28
C TYR A 17 4.62 9.71 8.28
N GLY A 18 5.43 8.75 8.66
CA GLY A 18 5.02 7.73 9.58
C GLY A 18 4.29 6.63 8.89
N THR A 19 4.54 6.51 7.62
CA THR A 19 3.99 5.47 6.83
C THR A 19 5.01 4.36 6.76
N TRP A 20 4.60 3.17 7.08
CA TRP A 20 5.45 2.02 6.98
C TRP A 20 5.33 1.48 5.59
N TYR A 21 6.41 1.36 4.92
CA TYR A 21 6.43 0.91 3.57
C TYR A 21 7.44 -0.21 3.44
N LYS A 22 7.33 -0.92 2.38
CA LYS A 22 8.32 -1.87 1.99
C LYS A 22 8.25 -1.99 0.47
N PRO A 23 9.39 -2.14 -0.18
CA PRO A 23 9.45 -2.36 -1.60
C PRO A 23 9.12 -3.82 -1.92
N GLU A 24 8.02 -4.04 -2.57
CA GLU A 24 7.58 -5.37 -2.86
C GLU A 24 7.11 -5.42 -4.29
N ASN A 25 7.66 -6.31 -5.05
CA ASN A 25 7.34 -6.41 -6.46
C ASN A 25 6.38 -7.55 -6.66
N ALA A 26 5.15 -7.22 -6.93
CA ALA A 26 4.14 -8.24 -7.11
C ALA A 26 3.01 -7.75 -7.97
N THR A 27 2.19 -8.67 -8.37
CA THR A 27 1.04 -8.35 -9.14
C THR A 27 -0.20 -8.48 -8.28
N PHE A 28 -0.91 -7.41 -8.17
CA PHE A 28 -2.12 -7.37 -7.46
C PHE A 28 -3.25 -7.49 -8.43
N VAL A 29 -3.93 -8.56 -8.35
CA VAL A 29 -5.09 -8.77 -9.15
C VAL A 29 -6.25 -8.47 -8.27
N ASN A 30 -7.01 -7.47 -8.59
CA ASN A 30 -8.12 -7.08 -7.75
C ASN A 30 -9.22 -8.14 -7.78
N GLY A 31 -9.94 -8.27 -6.69
CA GLY A 31 -10.96 -9.27 -6.56
C GLY A 31 -12.25 -8.89 -7.25
N ASN A 32 -13.36 -9.30 -6.65
CA ASN A 32 -14.69 -9.11 -7.23
C ASN A 32 -15.23 -7.70 -6.94
N GLN A 33 -14.50 -6.95 -6.15
CA GLN A 33 -14.91 -5.62 -5.76
C GLN A 33 -13.91 -4.58 -6.25
N PRO A 34 -14.41 -3.45 -6.77
CA PRO A 34 -13.54 -2.33 -7.18
C PRO A 34 -12.94 -1.64 -5.95
N ILE A 35 -11.81 -0.99 -6.12
CA ILE A 35 -11.16 -0.35 -5.00
C ILE A 35 -10.88 1.12 -5.30
N VAL A 36 -11.17 1.99 -4.35
CA VAL A 36 -10.94 3.42 -4.51
C VAL A 36 -9.44 3.71 -4.35
N THR A 37 -8.82 4.28 -5.36
CA THR A 37 -7.38 4.51 -5.33
C THR A 37 -7.06 5.95 -4.90
N ARG A 38 -5.86 6.15 -4.38
CA ARG A 38 -5.41 7.46 -3.90
C ARG A 38 -4.14 7.84 -4.60
N ILE A 39 -3.87 9.10 -4.69
CA ILE A 39 -2.73 9.56 -5.44
C ILE A 39 -1.67 10.26 -4.60
N GLY A 40 -0.41 9.94 -4.89
CA GLY A 40 0.76 10.55 -4.28
C GLY A 40 1.11 9.96 -2.95
N SER A 41 0.11 9.78 -2.16
CA SER A 41 0.26 9.39 -0.80
C SER A 41 -0.79 8.34 -0.40
N PRO A 42 -0.51 7.52 0.62
CA PRO A 42 -1.41 6.47 1.08
C PRO A 42 -2.29 6.94 2.25
N PHE A 43 -3.05 7.97 2.04
CA PHE A 43 -3.92 8.49 3.07
C PHE A 43 -5.35 8.48 2.58
N LEU A 44 -6.27 8.44 3.51
CA LEU A 44 -7.69 8.47 3.18
C LEU A 44 -8.09 9.88 2.83
N ASN A 45 -7.32 10.83 3.32
CA ASN A 45 -7.53 12.24 3.02
C ASN A 45 -6.91 12.60 1.66
N ALA A 46 -6.08 11.71 1.15
CA ALA A 46 -5.37 11.93 -0.11
C ALA A 46 -6.36 11.95 -1.28
N PRO A 47 -6.03 12.66 -2.37
CA PRO A 47 -6.89 12.76 -3.54
C PRO A 47 -7.18 11.39 -4.18
N VAL A 48 -8.43 11.19 -4.54
CA VAL A 48 -8.86 9.97 -5.19
C VAL A 48 -8.38 9.95 -6.63
N GLY A 49 -7.81 8.83 -7.05
CA GLY A 49 -7.35 8.69 -8.41
C GLY A 49 -8.42 8.08 -9.29
N GLY A 50 -9.36 7.46 -8.64
CA GLY A 50 -10.45 6.83 -9.30
C GLY A 50 -10.69 5.48 -8.69
N ASN A 51 -11.61 4.73 -9.19
CA ASN A 51 -11.81 3.38 -8.70
C ASN A 51 -11.10 2.40 -9.59
N LEU A 52 -10.38 1.53 -8.99
CA LEU A 52 -9.75 0.46 -9.69
C LEU A 52 -10.79 -0.58 -9.96
N PRO A 53 -10.96 -0.98 -11.20
CA PRO A 53 -11.93 -1.97 -11.57
C PRO A 53 -11.68 -3.32 -10.90
N ALA A 54 -12.72 -4.06 -10.70
CA ALA A 54 -12.63 -5.39 -10.16
C ALA A 54 -11.98 -6.29 -11.22
N GLY A 55 -11.09 -7.13 -10.78
CA GLY A 55 -10.39 -8.01 -11.69
C GLY A 55 -9.33 -7.30 -12.53
N ALA A 56 -8.84 -6.16 -12.07
CA ALA A 56 -7.79 -5.44 -12.79
C ALA A 56 -6.43 -5.93 -12.32
N THR A 57 -5.45 -5.84 -13.19
CA THR A 57 -4.13 -6.30 -12.91
C THR A 57 -3.22 -5.11 -12.58
N ILE A 58 -2.69 -5.11 -11.40
CA ILE A 58 -1.79 -4.07 -10.96
C ILE A 58 -0.43 -4.63 -10.68
N VAL A 59 0.57 -4.01 -11.21
CA VAL A 59 1.90 -4.35 -10.81
C VAL A 59 2.37 -3.27 -9.85
N TYR A 60 2.65 -3.64 -8.63
CA TYR A 60 3.07 -2.67 -7.66
C TYR A 60 4.50 -2.91 -7.27
N ASP A 61 5.12 -1.90 -6.72
CA ASP A 61 6.51 -2.00 -6.33
C ASP A 61 6.68 -1.69 -4.87
N GLU A 62 5.58 -1.42 -4.20
CA GLU A 62 5.65 -0.98 -2.84
C GLU A 62 4.36 -1.30 -2.13
N VAL A 63 4.46 -1.48 -0.83
CA VAL A 63 3.31 -1.67 0.02
C VAL A 63 3.48 -0.72 1.18
N CYS A 64 2.46 -0.01 1.51
CA CYS A 64 2.48 0.91 2.62
C CYS A 64 1.36 0.61 3.60
N ILE A 65 1.60 0.88 4.84
CA ILE A 65 0.61 0.74 5.88
C ILE A 65 0.36 2.10 6.47
N GLN A 66 -0.85 2.59 6.33
CA GLN A 66 -1.21 3.90 6.82
C GLN A 66 -2.72 4.01 6.88
N ALA A 67 -3.21 4.79 7.86
CA ALA A 67 -4.63 5.07 8.04
C ALA A 67 -5.44 3.79 8.28
N GLY A 68 -4.79 2.80 8.88
CA GLY A 68 -5.44 1.54 9.20
C GLY A 68 -5.59 0.65 7.99
N HIS A 69 -5.03 1.07 6.89
CA HIS A 69 -5.14 0.36 5.66
C HIS A 69 -3.77 -0.03 5.17
N ILE A 70 -3.72 -1.07 4.40
CA ILE A 70 -2.52 -1.45 3.73
C ILE A 70 -2.71 -1.09 2.28
N TRP A 71 -1.72 -0.47 1.70
CA TRP A 71 -1.80 0.10 0.39
C TRP A 71 -0.71 -0.44 -0.46
N ILE A 72 -0.96 -0.52 -1.72
CA ILE A 72 0.07 -0.84 -2.65
C ILE A 72 0.44 0.40 -3.42
N GLY A 73 1.71 0.60 -3.61
CA GLY A 73 2.19 1.74 -4.31
C GLY A 73 2.62 1.37 -5.69
N TYR A 74 2.02 2.00 -6.66
CA TYR A 74 2.35 1.77 -8.03
C TYR A 74 2.29 3.08 -8.77
N ASN A 75 2.69 3.08 -10.01
CA ASN A 75 2.62 4.29 -10.78
C ASN A 75 1.50 4.15 -11.78
N ALA A 76 0.80 5.21 -11.99
CA ALA A 76 -0.25 5.23 -12.97
C ALA A 76 0.35 5.53 -14.31
N TYR A 77 -0.40 5.31 -15.36
CA TYR A 77 0.01 5.65 -16.70
C TYR A 77 0.24 7.17 -16.83
N ASN A 78 -0.33 7.90 -15.87
CA ASN A 78 -0.20 9.35 -15.76
C ASN A 78 1.16 9.73 -15.19
N GLY A 79 1.94 8.73 -14.76
CA GLY A 79 3.26 8.99 -14.18
C GLY A 79 3.17 9.34 -12.71
N ASN A 80 2.00 9.20 -12.15
CA ASN A 80 1.75 9.60 -10.78
C ASN A 80 1.76 8.39 -9.86
N ARG A 81 1.95 8.62 -8.57
CA ARG A 81 1.96 7.55 -7.59
C ARG A 81 0.54 7.25 -7.22
N VAL A 82 0.14 6.03 -7.32
CA VAL A 82 -1.18 5.68 -6.92
C VAL A 82 -1.12 4.60 -5.88
N TYR A 83 -1.91 4.77 -4.88
CA TYR A 83 -2.00 3.85 -3.81
C TYR A 83 -3.38 3.24 -3.78
N CYS A 84 -3.42 1.96 -3.84
CA CYS A 84 -4.64 1.25 -3.76
C CYS A 84 -4.66 0.49 -2.44
N PRO A 85 -5.70 0.66 -1.63
CA PRO A 85 -5.83 -0.08 -0.40
C PRO A 85 -6.17 -1.52 -0.75
N VAL A 86 -5.45 -2.43 -0.18
CA VAL A 86 -5.64 -3.82 -0.55
C VAL A 86 -6.17 -4.66 0.59
N ARG A 87 -6.18 -4.08 1.78
CA ARG A 87 -6.64 -4.74 2.99
C ARG A 87 -6.48 -3.76 4.14
N THR A 88 -6.94 -4.11 5.29
CA THR A 88 -6.81 -3.28 6.45
C THR A 88 -5.65 -3.74 7.32
N CYS A 89 -5.26 -2.94 8.26
CA CYS A 89 -4.22 -3.27 9.19
C CYS A 89 -4.55 -2.68 10.54
N GLN A 90 -4.52 -3.49 11.53
CA GLN A 90 -4.74 -3.04 12.87
C GLN A 90 -3.39 -2.66 13.44
N GLY A 91 -3.09 -1.40 13.37
CA GLY A 91 -1.87 -0.93 13.91
C GLY A 91 -0.78 -0.78 12.89
N VAL A 92 0.43 -0.79 13.35
CA VAL A 92 1.59 -0.65 12.52
C VAL A 92 2.57 -1.75 12.84
N PRO A 93 3.38 -2.17 11.88
CA PRO A 93 4.35 -3.23 12.07
C PRO A 93 5.47 -2.79 13.07
N PRO A 94 6.28 -3.75 13.60
CA PRO A 94 6.25 -5.16 13.22
C PRO A 94 5.06 -5.92 13.79
N ASN A 95 4.29 -5.28 14.62
CA ASN A 95 3.10 -5.93 15.06
C ASN A 95 1.95 -5.37 14.30
N GLN A 96 1.83 -5.83 13.08
CA GLN A 96 0.76 -5.43 12.23
C GLN A 96 -0.25 -6.54 12.18
N ILE A 97 -1.47 -6.20 11.94
CA ILE A 97 -2.50 -7.21 11.81
C ILE A 97 -3.31 -6.93 10.55
N PRO A 98 -2.85 -7.47 9.40
CA PRO A 98 -3.53 -7.28 8.13
C PRO A 98 -4.83 -8.09 8.02
N GLY A 99 -5.86 -7.45 7.52
CA GLY A 99 -7.12 -8.12 7.29
C GLY A 99 -7.08 -8.88 5.99
N VAL A 100 -8.22 -9.38 5.57
CA VAL A 100 -8.30 -10.16 4.35
C VAL A 100 -8.06 -9.26 3.13
N ALA A 101 -7.30 -9.77 2.18
CA ALA A 101 -6.97 -9.04 0.99
C ALA A 101 -8.15 -8.93 0.08
N TRP A 102 -8.27 -7.78 -0.53
CA TRP A 102 -9.37 -7.47 -1.43
C TRP A 102 -9.02 -7.93 -2.86
N GLY A 103 -7.86 -8.53 -2.99
CA GLY A 103 -7.40 -9.05 -4.24
C GLY A 103 -6.34 -10.08 -4.00
N VAL A 104 -5.55 -10.35 -5.00
CA VAL A 104 -4.49 -11.33 -4.91
C VAL A 104 -3.17 -10.64 -5.05
N PHE A 105 -2.18 -11.17 -4.42
CA PHE A 105 -0.84 -10.71 -4.52
C PHE A 105 -0.01 -11.82 -5.11
N LYS A 106 0.36 -11.67 -6.34
CA LYS A 106 1.22 -12.63 -6.99
C LYS A 106 2.65 -12.20 -6.75
N GLU A 1 29.39 -1.47 25.33
CA GLU A 1 28.67 -1.38 24.06
C GLU A 1 27.81 -0.14 24.02
N THR A 2 26.82 -0.08 24.92
CA THR A 2 25.81 0.98 24.94
C THR A 2 24.95 0.90 23.66
N PRO A 3 23.76 0.27 23.74
CA PRO A 3 22.88 0.12 22.58
C PRO A 3 22.35 1.45 22.07
N ALA A 4 23.07 2.04 21.12
CA ALA A 4 22.61 3.24 20.48
C ALA A 4 21.65 2.84 19.39
N THR A 5 21.89 1.66 18.84
CA THR A 5 21.02 1.06 17.89
C THR A 5 19.84 0.45 18.64
N ARG A 6 18.90 1.29 18.97
CA ARG A 6 17.77 0.89 19.75
C ARG A 6 16.75 0.17 18.89
N PRO A 7 16.17 -0.92 19.42
CA PRO A 7 15.20 -1.76 18.70
C PRO A 7 14.12 -0.95 18.00
N VAL A 8 14.14 -0.99 16.69
CA VAL A 8 13.21 -0.28 15.87
C VAL A 8 13.00 -1.08 14.59
N THR A 9 11.87 -0.91 13.99
CA THR A 9 11.52 -1.64 12.81
C THR A 9 12.17 -1.00 11.57
N GLY A 10 13.04 -1.77 10.93
CA GLY A 10 13.70 -1.32 9.72
C GLY A 10 13.35 -2.23 8.55
N SER A 11 12.71 -3.36 8.85
CA SER A 11 12.21 -4.29 7.84
C SER A 11 11.17 -3.57 7.00
N TRP A 12 10.35 -2.83 7.69
CA TRP A 12 9.45 -1.89 7.14
C TRP A 12 10.00 -0.56 7.55
N LYS A 13 9.99 0.41 6.70
CA LYS A 13 10.49 1.70 7.07
C LYS A 13 9.41 2.72 7.02
N LYS A 14 9.37 3.56 8.02
CA LYS A 14 8.34 4.56 8.10
C LYS A 14 8.85 5.88 7.56
N ASN A 15 8.06 6.51 6.74
CA ASN A 15 8.40 7.78 6.13
C ASN A 15 7.79 8.96 6.90
N GLN A 16 7.93 10.18 6.36
CA GLN A 16 7.43 11.42 7.00
C GLN A 16 5.92 11.44 7.16
N TYR A 17 5.25 10.58 6.42
CA TYR A 17 3.80 10.53 6.42
C TYR A 17 3.32 9.64 7.55
N GLY A 18 4.27 8.93 8.16
CA GLY A 18 3.94 8.01 9.23
C GLY A 18 3.45 6.72 8.66
N THR A 19 3.77 6.53 7.42
CA THR A 19 3.41 5.39 6.69
C THR A 19 4.59 4.43 6.67
N TRP A 20 4.33 3.19 7.01
CA TRP A 20 5.34 2.17 6.96
C TRP A 20 5.33 1.57 5.58
N TYR A 21 6.45 1.52 4.95
CA TYR A 21 6.50 0.99 3.61
C TYR A 21 7.65 0.04 3.47
N LYS A 22 7.57 -0.81 2.48
CA LYS A 22 8.67 -1.63 2.10
C LYS A 22 8.56 -1.87 0.60
N PRO A 23 9.67 -2.05 -0.09
CA PRO A 23 9.64 -2.37 -1.51
C PRO A 23 9.15 -3.79 -1.72
N GLU A 24 8.21 -3.97 -2.61
CA GLU A 24 7.68 -5.27 -2.91
C GLU A 24 7.20 -5.28 -4.33
N ASN A 25 7.69 -6.17 -5.13
CA ASN A 25 7.24 -6.20 -6.49
C ASN A 25 6.37 -7.42 -6.68
N ALA A 26 5.11 -7.19 -6.77
CA ALA A 26 4.13 -8.25 -6.91
C ALA A 26 2.96 -7.73 -7.69
N THR A 27 2.12 -8.62 -8.11
CA THR A 27 0.98 -8.26 -8.84
C THR A 27 -0.28 -8.49 -8.04
N PHE A 28 -1.03 -7.46 -7.87
CA PHE A 28 -2.25 -7.48 -7.16
C PHE A 28 -3.37 -7.59 -8.15
N VAL A 29 -4.13 -8.60 -8.00
CA VAL A 29 -5.29 -8.80 -8.80
C VAL A 29 -6.45 -8.47 -7.96
N ASN A 30 -7.16 -7.44 -8.31
CA ASN A 30 -8.32 -7.04 -7.52
C ASN A 30 -9.41 -8.09 -7.61
N GLY A 31 -10.17 -8.24 -6.57
CA GLY A 31 -11.18 -9.25 -6.51
C GLY A 31 -12.52 -8.78 -7.02
N ASN A 32 -13.49 -8.85 -6.15
CA ASN A 32 -14.88 -8.61 -6.49
C ASN A 32 -15.28 -7.14 -6.44
N GLN A 33 -14.64 -6.38 -5.63
CA GLN A 33 -15.04 -5.01 -5.44
C GLN A 33 -14.03 -4.05 -6.03
N PRO A 34 -14.48 -3.02 -6.74
CA PRO A 34 -13.60 -2.00 -7.25
C PRO A 34 -13.03 -1.18 -6.10
N ILE A 35 -11.77 -0.84 -6.18
CA ILE A 35 -11.12 -0.21 -5.04
C ILE A 35 -10.76 1.25 -5.32
N VAL A 36 -11.12 2.12 -4.40
CA VAL A 36 -10.80 3.55 -4.52
C VAL A 36 -9.30 3.75 -4.26
N THR A 37 -8.61 4.22 -5.26
CA THR A 37 -7.18 4.42 -5.17
C THR A 37 -6.88 5.88 -4.79
N ARG A 38 -5.67 6.15 -4.34
CA ARG A 38 -5.27 7.47 -3.86
C ARG A 38 -3.98 7.87 -4.52
N ILE A 39 -3.73 9.15 -4.63
CA ILE A 39 -2.56 9.62 -5.32
C ILE A 39 -1.56 10.38 -4.46
N GLY A 40 -0.28 10.06 -4.68
CA GLY A 40 0.85 10.71 -4.06
C GLY A 40 1.21 10.11 -2.74
N SER A 41 0.24 9.95 -1.96
CA SER A 41 0.36 9.46 -0.62
C SER A 41 -0.77 8.49 -0.30
N PRO A 42 -0.52 7.47 0.53
CA PRO A 42 -1.53 6.52 0.91
C PRO A 42 -2.35 7.01 2.11
N PHE A 43 -3.36 7.80 1.84
CA PHE A 43 -4.26 8.30 2.87
C PHE A 43 -5.65 8.33 2.34
N LEU A 44 -6.61 8.31 3.23
CA LEU A 44 -8.01 8.41 2.85
C LEU A 44 -8.33 9.86 2.52
N ASN A 45 -7.51 10.76 3.05
CA ASN A 45 -7.64 12.20 2.82
C ASN A 45 -6.83 12.63 1.60
N ALA A 46 -6.30 11.66 0.89
CA ALA A 46 -5.52 11.94 -0.30
C ALA A 46 -6.46 11.92 -1.51
N PRO A 47 -6.08 12.59 -2.63
CA PRO A 47 -6.88 12.61 -3.85
C PRO A 47 -7.14 11.20 -4.40
N VAL A 48 -8.25 11.05 -5.07
CA VAL A 48 -8.67 9.78 -5.61
C VAL A 48 -8.04 9.58 -6.97
N GLY A 49 -7.35 8.47 -7.11
CA GLY A 49 -6.71 8.16 -8.37
C GLY A 49 -7.65 7.44 -9.29
N GLY A 50 -8.78 7.10 -8.75
CA GLY A 50 -9.79 6.44 -9.48
C GLY A 50 -10.21 5.22 -8.75
N ASN A 51 -11.12 4.52 -9.29
CA ASN A 51 -11.60 3.29 -8.72
C ASN A 51 -11.16 2.15 -9.58
N LEU A 52 -10.25 1.38 -9.02
CA LEU A 52 -9.67 0.24 -9.67
C LEU A 52 -10.73 -0.78 -9.93
N PRO A 53 -10.83 -1.22 -11.18
CA PRO A 53 -11.82 -2.18 -11.56
C PRO A 53 -11.69 -3.51 -10.81
N ALA A 54 -12.80 -4.14 -10.55
CA ALA A 54 -12.80 -5.43 -9.91
C ALA A 54 -12.26 -6.47 -10.88
N GLY A 55 -11.15 -7.06 -10.53
CA GLY A 55 -10.54 -8.03 -11.41
C GLY A 55 -9.34 -7.47 -12.14
N ALA A 56 -9.03 -6.21 -11.89
CA ALA A 56 -7.91 -5.55 -12.56
C ALA A 56 -6.59 -6.01 -12.01
N THR A 57 -5.64 -6.12 -12.88
CA THR A 57 -4.34 -6.59 -12.58
C THR A 57 -3.38 -5.40 -12.37
N ILE A 58 -2.85 -5.28 -11.18
CA ILE A 58 -1.94 -4.19 -10.80
C ILE A 58 -0.56 -4.72 -10.47
N VAL A 59 0.42 -4.18 -11.09
CA VAL A 59 1.78 -4.48 -10.73
C VAL A 59 2.26 -3.33 -9.85
N TYR A 60 2.58 -3.63 -8.62
CA TYR A 60 3.02 -2.62 -7.71
C TYR A 60 4.46 -2.83 -7.32
N ASP A 61 5.08 -1.83 -6.74
CA ASP A 61 6.46 -1.93 -6.33
C ASP A 61 6.64 -1.63 -4.86
N GLU A 62 5.57 -1.39 -4.17
CA GLU A 62 5.69 -1.00 -2.79
C GLU A 62 4.43 -1.35 -2.04
N VAL A 63 4.56 -1.67 -0.78
CA VAL A 63 3.42 -1.90 0.08
C VAL A 63 3.59 -0.93 1.22
N CYS A 64 2.54 -0.28 1.57
CA CYS A 64 2.55 0.69 2.63
C CYS A 64 1.42 0.44 3.61
N ILE A 65 1.63 0.80 4.84
CA ILE A 65 0.62 0.67 5.87
C ILE A 65 0.31 2.07 6.42
N GLN A 66 -0.95 2.46 6.32
CA GLN A 66 -1.39 3.78 6.76
C GLN A 66 -2.92 3.81 6.79
N ALA A 67 -3.48 4.61 7.70
CA ALA A 67 -4.92 4.83 7.81
C ALA A 67 -5.67 3.53 8.07
N GLY A 68 -5.01 2.61 8.78
CA GLY A 68 -5.60 1.33 9.12
C GLY A 68 -5.69 0.40 7.92
N HIS A 69 -5.13 0.81 6.82
CA HIS A 69 -5.16 0.05 5.60
C HIS A 69 -3.77 -0.29 5.14
N ILE A 70 -3.68 -1.33 4.36
CA ILE A 70 -2.46 -1.68 3.70
C ILE A 70 -2.63 -1.28 2.25
N TRP A 71 -1.63 -0.66 1.71
CA TRP A 71 -1.72 -0.05 0.41
C TRP A 71 -0.62 -0.56 -0.45
N ILE A 72 -0.85 -0.53 -1.71
CA ILE A 72 0.16 -0.87 -2.66
C ILE A 72 0.51 0.37 -3.45
N GLY A 73 1.77 0.58 -3.65
CA GLY A 73 2.24 1.72 -4.36
C GLY A 73 2.71 1.38 -5.73
N TYR A 74 2.14 2.03 -6.70
CA TYR A 74 2.50 1.86 -8.07
C TYR A 74 2.45 3.21 -8.75
N ASN A 75 2.89 3.31 -9.97
CA ASN A 75 2.94 4.59 -10.66
C ASN A 75 1.91 4.62 -11.75
N ALA A 76 1.33 5.77 -11.92
CA ALA A 76 0.33 5.99 -12.95
C ALA A 76 0.95 6.56 -14.20
N TYR A 77 0.19 6.50 -15.28
CA TYR A 77 0.56 7.01 -16.59
C TYR A 77 0.96 8.49 -16.53
N ASN A 78 0.31 9.24 -15.69
CA ASN A 78 0.56 10.67 -15.57
C ASN A 78 1.75 10.98 -14.65
N GLY A 79 2.48 9.96 -14.24
CA GLY A 79 3.66 10.19 -13.43
C GLY A 79 3.36 10.32 -11.95
N ASN A 80 2.13 10.05 -11.59
CA ASN A 80 1.70 10.15 -10.20
C ASN A 80 1.86 8.84 -9.48
N ARG A 81 1.98 8.91 -8.17
CA ARG A 81 2.08 7.73 -7.33
C ARG A 81 0.67 7.33 -6.98
N VAL A 82 0.29 6.12 -7.22
CA VAL A 82 -1.04 5.71 -6.88
C VAL A 82 -0.98 4.62 -5.87
N TYR A 83 -1.75 4.78 -4.85
CA TYR A 83 -1.86 3.82 -3.80
C TYR A 83 -3.23 3.22 -3.78
N CYS A 84 -3.28 1.93 -3.78
CA CYS A 84 -4.52 1.22 -3.71
C CYS A 84 -4.55 0.44 -2.42
N PRO A 85 -5.60 0.57 -1.61
CA PRO A 85 -5.73 -0.22 -0.41
C PRO A 85 -6.09 -1.64 -0.81
N VAL A 86 -5.38 -2.58 -0.27
CA VAL A 86 -5.60 -3.97 -0.64
C VAL A 86 -6.13 -4.81 0.49
N ARG A 87 -6.07 -4.27 1.69
CA ARG A 87 -6.53 -4.95 2.89
C ARG A 87 -6.38 -3.99 4.05
N THR A 88 -6.84 -4.38 5.19
CA THR A 88 -6.74 -3.59 6.37
C THR A 88 -5.56 -4.02 7.23
N CYS A 89 -5.17 -3.19 8.18
CA CYS A 89 -4.10 -3.49 9.10
C CYS A 89 -4.35 -2.81 10.43
N GLN A 90 -4.53 -3.61 11.46
CA GLN A 90 -4.76 -3.08 12.78
C GLN A 90 -3.42 -2.75 13.43
N GLY A 91 -3.11 -1.48 13.46
CA GLY A 91 -1.87 -1.05 14.03
C GLY A 91 -0.77 -0.99 13.01
N VAL A 92 0.41 -0.68 13.44
CA VAL A 92 1.56 -0.60 12.58
C VAL A 92 2.55 -1.72 12.91
N PRO A 93 3.38 -2.12 11.94
CA PRO A 93 4.35 -3.20 12.14
C PRO A 93 5.40 -2.82 13.23
N PRO A 94 6.18 -3.77 13.78
CA PRO A 94 6.24 -5.16 13.34
C PRO A 94 5.05 -6.00 13.81
N ASN A 95 4.20 -5.42 14.61
CA ASN A 95 2.98 -6.07 14.95
C ASN A 95 1.87 -5.44 14.20
N GLN A 96 1.79 -5.81 12.97
CA GLN A 96 0.73 -5.37 12.12
C GLN A 96 -0.27 -6.49 12.09
N ILE A 97 -1.51 -6.17 11.88
CA ILE A 97 -2.52 -7.18 11.80
C ILE A 97 -3.28 -7.03 10.50
N PRO A 98 -2.78 -7.60 9.41
CA PRO A 98 -3.43 -7.52 8.11
C PRO A 98 -4.75 -8.31 8.06
N GLY A 99 -5.79 -7.64 7.61
CA GLY A 99 -7.06 -8.28 7.46
C GLY A 99 -7.16 -9.01 6.15
N VAL A 100 -8.36 -9.40 5.77
CA VAL A 100 -8.59 -10.12 4.54
C VAL A 100 -8.21 -9.26 3.32
N ALA A 101 -7.53 -9.87 2.38
CA ALA A 101 -7.12 -9.21 1.19
C ALA A 101 -8.27 -9.06 0.24
N TRP A 102 -8.29 -7.96 -0.47
CA TRP A 102 -9.34 -7.66 -1.40
C TRP A 102 -9.02 -8.19 -2.79
N GLY A 103 -7.95 -8.96 -2.87
CA GLY A 103 -7.54 -9.54 -4.11
C GLY A 103 -6.45 -10.55 -3.92
N VAL A 104 -5.69 -10.78 -4.96
CA VAL A 104 -4.61 -11.75 -4.96
C VAL A 104 -3.30 -11.00 -5.05
N PHE A 105 -2.24 -11.59 -4.57
CA PHE A 105 -0.94 -11.03 -4.65
C PHE A 105 -0.04 -12.07 -5.30
N LYS A 106 0.26 -11.88 -6.54
CA LYS A 106 1.15 -12.75 -7.23
C LYS A 106 2.54 -12.24 -6.97
N GLU A 1 22.21 -0.14 2.40
CA GLU A 1 20.77 -0.28 2.27
C GLU A 1 20.10 0.34 3.48
N THR A 2 20.52 -0.06 4.65
CA THR A 2 20.01 0.46 5.86
C THR A 2 21.09 1.35 6.51
N PRO A 3 20.79 2.66 6.74
CA PRO A 3 21.76 3.60 7.33
C PRO A 3 22.30 3.13 8.69
N ALA A 4 21.42 2.56 9.49
CA ALA A 4 21.78 2.09 10.83
C ALA A 4 22.24 0.63 10.80
N THR A 5 22.60 0.15 9.62
CA THR A 5 23.07 -1.20 9.37
C THR A 5 21.92 -2.22 9.44
N ARG A 6 21.31 -2.34 10.58
CA ARG A 6 20.26 -3.30 10.77
C ARG A 6 18.91 -2.67 10.50
N PRO A 7 18.15 -3.28 9.60
CA PRO A 7 16.83 -2.79 9.23
C PRO A 7 15.85 -2.91 10.37
N VAL A 8 15.46 -1.76 10.90
CA VAL A 8 14.50 -1.71 11.98
C VAL A 8 13.16 -2.24 11.46
N THR A 9 12.61 -3.22 12.15
CA THR A 9 11.35 -3.88 11.78
C THR A 9 11.55 -4.84 10.57
N GLY A 10 12.77 -4.93 10.10
CA GLY A 10 13.13 -5.85 9.04
C GLY A 10 12.72 -5.37 7.66
N SER A 11 11.63 -5.90 7.18
CA SER A 11 11.14 -5.62 5.84
C SER A 11 10.47 -4.25 5.77
N TRP A 12 9.83 -3.86 6.85
CA TRP A 12 9.09 -2.64 6.87
C TRP A 12 9.90 -1.53 7.47
N LYS A 13 9.95 -0.43 6.77
CA LYS A 13 10.63 0.76 7.24
C LYS A 13 9.63 1.87 7.27
N LYS A 14 9.86 2.86 8.09
CA LYS A 14 8.87 3.88 8.22
C LYS A 14 9.27 5.15 7.54
N ASN A 15 8.36 5.66 6.78
CA ASN A 15 8.46 6.91 6.06
C ASN A 15 8.20 8.01 7.10
N GLN A 16 8.78 9.17 6.88
CA GLN A 16 8.70 10.31 7.81
C GLN A 16 7.25 10.71 8.18
N TYR A 17 6.29 10.31 7.35
CA TYR A 17 4.89 10.60 7.61
C TYR A 17 4.24 9.54 8.51
N GLY A 18 5.03 8.58 8.96
CA GLY A 18 4.51 7.55 9.83
C GLY A 18 3.95 6.39 9.04
N THR A 19 4.22 6.40 7.78
CA THR A 19 3.77 5.38 6.87
C THR A 19 4.81 4.27 6.82
N TRP A 20 4.45 3.09 7.18
CA TRP A 20 5.36 1.98 7.05
C TRP A 20 5.30 1.48 5.65
N TYR A 21 6.41 1.32 5.02
CA TYR A 21 6.44 0.92 3.65
C TYR A 21 7.56 -0.05 3.41
N LYS A 22 7.44 -0.79 2.37
CA LYS A 22 8.46 -1.67 1.94
C LYS A 22 8.39 -1.80 0.43
N PRO A 23 9.53 -1.99 -0.22
CA PRO A 23 9.59 -2.24 -1.64
C PRO A 23 9.18 -3.69 -1.94
N GLU A 24 8.18 -3.85 -2.73
CA GLU A 24 7.71 -5.16 -3.10
C GLU A 24 7.11 -5.06 -4.47
N ASN A 25 7.61 -5.83 -5.38
CA ASN A 25 7.11 -5.77 -6.73
C ASN A 25 6.28 -6.99 -6.99
N ALA A 26 5.01 -6.80 -7.04
CA ALA A 26 4.11 -7.90 -7.18
C ALA A 26 2.89 -7.49 -7.93
N THR A 27 2.15 -8.46 -8.35
CA THR A 27 0.96 -8.24 -9.07
C THR A 27 -0.28 -8.47 -8.19
N PHE A 28 -1.05 -7.46 -8.06
CA PHE A 28 -2.26 -7.48 -7.29
C PHE A 28 -3.41 -7.67 -8.24
N VAL A 29 -4.11 -8.73 -8.07
CA VAL A 29 -5.27 -9.00 -8.88
C VAL A 29 -6.49 -8.75 -8.01
N ASN A 30 -7.16 -7.65 -8.29
CA ASN A 30 -8.32 -7.22 -7.50
C ASN A 30 -9.45 -8.22 -7.60
N GLY A 31 -10.14 -8.41 -6.50
CA GLY A 31 -11.22 -9.34 -6.41
C GLY A 31 -12.49 -8.86 -7.08
N ASN A 32 -13.60 -9.15 -6.46
CA ASN A 32 -14.91 -8.88 -7.04
C ASN A 32 -15.36 -7.43 -6.83
N GLN A 33 -14.71 -6.69 -5.96
CA GLN A 33 -15.12 -5.34 -5.69
C GLN A 33 -14.12 -4.33 -6.23
N PRO A 34 -14.58 -3.24 -6.82
CA PRO A 34 -13.72 -2.16 -7.26
C PRO A 34 -13.13 -1.42 -6.05
N ILE A 35 -11.91 -0.95 -6.16
CA ILE A 35 -11.26 -0.32 -5.02
C ILE A 35 -10.94 1.14 -5.31
N VAL A 36 -11.20 2.00 -4.36
CA VAL A 36 -10.89 3.43 -4.52
C VAL A 36 -9.39 3.65 -4.35
N THR A 37 -8.75 4.20 -5.35
CA THR A 37 -7.34 4.42 -5.30
C THR A 37 -7.03 5.91 -5.06
N ARG A 38 -5.85 6.22 -4.56
CA ARG A 38 -5.49 7.58 -4.16
C ARG A 38 -4.19 7.97 -4.82
N ILE A 39 -3.89 9.26 -4.90
CA ILE A 39 -2.69 9.72 -5.58
C ILE A 39 -1.76 10.56 -4.68
N GLY A 40 -0.47 10.29 -4.81
CA GLY A 40 0.58 11.04 -4.17
C GLY A 40 0.97 10.46 -2.85
N SER A 41 -0.01 10.16 -2.08
CA SER A 41 0.14 9.70 -0.73
C SER A 41 -0.86 8.58 -0.42
N PRO A 42 -0.52 7.66 0.50
CA PRO A 42 -1.42 6.61 0.93
C PRO A 42 -2.26 7.05 2.14
N PHE A 43 -3.32 7.78 1.87
CA PHE A 43 -4.21 8.25 2.93
C PHE A 43 -5.63 8.20 2.43
N LEU A 44 -6.55 8.15 3.35
CA LEU A 44 -7.98 8.13 3.04
C LEU A 44 -8.42 9.54 2.65
N ASN A 45 -7.64 10.50 3.08
CA ASN A 45 -7.90 11.90 2.79
C ASN A 45 -7.07 12.37 1.61
N ALA A 46 -6.49 11.44 0.90
CA ALA A 46 -5.75 11.77 -0.29
C ALA A 46 -6.73 11.78 -1.45
N PRO A 47 -6.47 12.56 -2.51
CA PRO A 47 -7.37 12.64 -3.67
C PRO A 47 -7.59 11.29 -4.33
N VAL A 48 -8.83 11.05 -4.72
CA VAL A 48 -9.19 9.83 -5.42
C VAL A 48 -8.56 9.86 -6.78
N GLY A 49 -7.70 8.93 -7.03
CA GLY A 49 -7.07 8.84 -8.31
C GLY A 49 -7.96 8.19 -9.30
N GLY A 50 -8.92 7.50 -8.77
CA GLY A 50 -9.86 6.80 -9.53
C GLY A 50 -10.18 5.55 -8.81
N ASN A 51 -10.99 4.75 -9.37
CA ASN A 51 -11.29 3.48 -8.79
C ASN A 51 -10.74 2.40 -9.65
N LEU A 52 -10.22 1.42 -9.00
CA LEU A 52 -9.68 0.29 -9.65
C LEU A 52 -10.78 -0.68 -9.91
N PRO A 53 -10.94 -1.10 -11.15
CA PRO A 53 -11.94 -2.06 -11.52
C PRO A 53 -11.75 -3.41 -10.83
N ALA A 54 -12.82 -4.13 -10.66
CA ALA A 54 -12.76 -5.46 -10.11
C ALA A 54 -12.14 -6.38 -11.16
N GLY A 55 -11.22 -7.22 -10.73
CA GLY A 55 -10.54 -8.10 -11.66
C GLY A 55 -9.38 -7.42 -12.36
N ALA A 56 -9.00 -6.26 -11.86
CA ALA A 56 -7.89 -5.52 -12.43
C ALA A 56 -6.59 -6.08 -11.97
N THR A 57 -5.63 -6.01 -12.85
CA THR A 57 -4.35 -6.53 -12.60
C THR A 57 -3.37 -5.37 -12.41
N ILE A 58 -2.90 -5.20 -11.21
CA ILE A 58 -2.00 -4.14 -10.85
C ILE A 58 -0.62 -4.67 -10.55
N VAL A 59 0.37 -4.03 -11.08
CA VAL A 59 1.71 -4.34 -10.71
C VAL A 59 2.19 -3.21 -9.82
N TYR A 60 2.49 -3.52 -8.60
CA TYR A 60 2.92 -2.51 -7.67
C TYR A 60 4.37 -2.69 -7.34
N ASP A 61 4.96 -1.67 -6.78
CA ASP A 61 6.37 -1.71 -6.42
C ASP A 61 6.57 -1.39 -4.95
N GLU A 62 5.49 -1.18 -4.23
CA GLU A 62 5.61 -0.78 -2.86
C GLU A 62 4.35 -1.14 -2.13
N VAL A 63 4.47 -1.35 -0.85
CA VAL A 63 3.33 -1.58 0.01
C VAL A 63 3.50 -0.66 1.19
N CYS A 64 2.44 -0.04 1.61
CA CYS A 64 2.43 0.86 2.73
C CYS A 64 1.37 0.48 3.73
N ILE A 65 1.60 0.81 4.96
CA ILE A 65 0.65 0.66 6.02
C ILE A 65 0.44 2.02 6.65
N GLN A 66 -0.73 2.57 6.43
CA GLN A 66 -1.06 3.89 6.91
C GLN A 66 -2.57 4.01 6.95
N ALA A 67 -3.07 4.80 7.91
CA ALA A 67 -4.50 5.07 8.09
C ALA A 67 -5.26 3.76 8.35
N GLY A 68 -4.56 2.82 8.99
CA GLY A 68 -5.14 1.53 9.32
C GLY A 68 -5.39 0.65 8.10
N HIS A 69 -4.87 1.07 6.97
CA HIS A 69 -5.03 0.33 5.75
C HIS A 69 -3.69 -0.07 5.20
N ILE A 70 -3.67 -1.13 4.45
CA ILE A 70 -2.49 -1.51 3.73
C ILE A 70 -2.68 -1.07 2.29
N TRP A 71 -1.69 -0.46 1.74
CA TRP A 71 -1.78 0.16 0.45
C TRP A 71 -0.70 -0.36 -0.43
N ILE A 72 -0.97 -0.45 -1.68
CA ILE A 72 0.04 -0.77 -2.64
C ILE A 72 0.38 0.48 -3.42
N GLY A 73 1.63 0.71 -3.63
CA GLY A 73 2.07 1.86 -4.34
C GLY A 73 2.54 1.50 -5.70
N TYR A 74 1.97 2.11 -6.69
CA TYR A 74 2.36 1.88 -8.05
C TYR A 74 2.38 3.18 -8.81
N ASN A 75 3.18 3.25 -9.82
CA ASN A 75 3.29 4.44 -10.61
C ASN A 75 2.40 4.31 -11.80
N ALA A 76 1.52 5.24 -11.92
CA ALA A 76 0.51 5.21 -12.96
C ALA A 76 1.11 5.49 -14.32
N TYR A 77 0.28 5.39 -15.33
CA TYR A 77 0.68 5.57 -16.70
C TYR A 77 1.13 7.03 -16.91
N ASN A 78 0.50 7.93 -16.18
CA ASN A 78 0.83 9.36 -16.25
C ASN A 78 1.92 9.73 -15.21
N GLY A 79 2.43 8.74 -14.50
CA GLY A 79 3.50 9.00 -13.55
C GLY A 79 3.01 9.40 -12.17
N ASN A 80 1.72 9.29 -11.95
CA ASN A 80 1.11 9.61 -10.66
C ASN A 80 1.40 8.49 -9.68
N ARG A 81 1.59 8.81 -8.41
CA ARG A 81 1.82 7.80 -7.41
C ARG A 81 0.49 7.33 -6.93
N VAL A 82 0.06 6.21 -7.40
CA VAL A 82 -1.25 5.75 -7.04
C VAL A 82 -1.15 4.69 -6.00
N TYR A 83 -1.89 4.88 -4.97
CA TYR A 83 -1.98 3.94 -3.90
C TYR A 83 -3.34 3.31 -3.89
N CYS A 84 -3.37 2.04 -3.73
CA CYS A 84 -4.60 1.31 -3.65
C CYS A 84 -4.62 0.53 -2.35
N PRO A 85 -5.66 0.69 -1.55
CA PRO A 85 -5.80 -0.10 -0.35
C PRO A 85 -6.15 -1.52 -0.73
N VAL A 86 -5.43 -2.45 -0.23
CA VAL A 86 -5.64 -3.83 -0.61
C VAL A 86 -6.17 -4.67 0.52
N ARG A 87 -6.17 -4.08 1.71
CA ARG A 87 -6.65 -4.73 2.92
C ARG A 87 -6.49 -3.77 4.07
N THR A 88 -7.09 -4.08 5.18
CA THR A 88 -6.99 -3.27 6.35
C THR A 88 -5.79 -3.74 7.19
N CYS A 89 -5.45 -3.00 8.21
CA CYS A 89 -4.39 -3.37 9.09
C CYS A 89 -4.62 -2.75 10.45
N GLN A 90 -4.58 -3.56 11.44
CA GLN A 90 -4.64 -3.12 12.77
C GLN A 90 -3.25 -2.93 13.30
N GLY A 91 -2.93 -1.69 13.55
CA GLY A 91 -1.64 -1.34 14.05
C GLY A 91 -0.58 -1.33 13.00
N VAL A 92 0.53 -0.77 13.36
CA VAL A 92 1.69 -0.73 12.52
C VAL A 92 2.63 -1.86 12.92
N PRO A 93 3.49 -2.31 11.99
CA PRO A 93 4.44 -3.39 12.26
C PRO A 93 5.44 -3.00 13.39
N PRO A 94 6.25 -3.97 13.93
CA PRO A 94 6.32 -5.38 13.48
C PRO A 94 5.05 -6.18 13.75
N ASN A 95 4.23 -5.70 14.66
CA ASN A 95 2.96 -6.35 14.90
C ASN A 95 1.87 -5.64 14.19
N GLN A 96 1.78 -5.92 12.93
CA GLN A 96 0.72 -5.41 12.13
C GLN A 96 -0.30 -6.52 12.01
N ILE A 97 -1.55 -6.19 11.96
CA ILE A 97 -2.55 -7.21 11.78
C ILE A 97 -3.36 -6.91 10.54
N PRO A 98 -2.92 -7.41 9.38
CA PRO A 98 -3.64 -7.23 8.12
C PRO A 98 -4.99 -7.95 8.12
N GLY A 99 -5.98 -7.32 7.56
CA GLY A 99 -7.29 -7.91 7.46
C GLY A 99 -7.41 -8.74 6.19
N VAL A 100 -8.62 -8.97 5.75
CA VAL A 100 -8.85 -9.76 4.55
C VAL A 100 -8.31 -9.02 3.31
N ALA A 101 -7.58 -9.72 2.48
CA ALA A 101 -7.05 -9.14 1.28
C ALA A 101 -8.11 -9.07 0.23
N TRP A 102 -8.13 -7.99 -0.48
CA TRP A 102 -9.12 -7.75 -1.49
C TRP A 102 -8.63 -8.22 -2.85
N GLY A 103 -7.58 -9.01 -2.85
CA GLY A 103 -7.06 -9.53 -4.06
C GLY A 103 -5.90 -10.45 -3.85
N VAL A 104 -5.35 -10.91 -4.95
CA VAL A 104 -4.22 -11.82 -4.94
C VAL A 104 -2.97 -10.97 -5.04
N PHE A 105 -1.88 -11.48 -4.55
CA PHE A 105 -0.63 -10.82 -4.63
C PHE A 105 0.37 -11.79 -5.23
N LYS A 106 0.68 -11.61 -6.48
CA LYS A 106 1.65 -12.45 -7.13
C LYS A 106 2.99 -11.74 -7.05
N GLU A 1 15.76 12.41 1.03
CA GLU A 1 14.99 11.17 1.04
C GLU A 1 14.17 11.12 2.33
N THR A 2 14.86 10.97 3.43
CA THR A 2 14.29 10.91 4.77
C THR A 2 13.40 9.64 4.99
N PRO A 3 14.05 8.49 5.21
CA PRO A 3 13.41 7.26 5.62
C PRO A 3 13.81 6.95 7.07
N ALA A 4 13.80 5.70 7.45
CA ALA A 4 14.31 5.30 8.73
C ALA A 4 15.81 5.07 8.56
N THR A 5 16.61 5.80 9.30
CA THR A 5 18.05 5.77 9.16
C THR A 5 18.66 4.45 9.66
N ARG A 6 18.22 4.01 10.82
CA ARG A 6 18.75 2.79 11.42
C ARG A 6 18.12 1.57 10.78
N PRO A 7 18.83 0.42 10.77
CA PRO A 7 18.26 -0.84 10.32
C PRO A 7 17.15 -1.26 11.26
N VAL A 8 15.94 -1.13 10.80
CA VAL A 8 14.80 -1.36 11.62
C VAL A 8 13.74 -2.12 10.84
N THR A 9 13.05 -3.03 11.54
CA THR A 9 11.93 -3.83 11.03
C THR A 9 12.17 -4.74 9.79
N GLY A 10 13.35 -4.63 9.19
CA GLY A 10 13.73 -5.49 8.10
C GLY A 10 13.02 -5.16 6.81
N SER A 11 11.98 -5.91 6.53
CA SER A 11 11.18 -5.75 5.34
C SER A 11 10.52 -4.38 5.34
N TRP A 12 9.76 -4.12 6.36
CA TRP A 12 9.05 -2.87 6.49
C TRP A 12 9.97 -1.85 7.06
N LYS A 13 9.80 -0.64 6.66
CA LYS A 13 10.55 0.50 7.14
C LYS A 13 9.62 1.69 7.12
N LYS A 14 9.84 2.67 7.96
CA LYS A 14 8.94 3.79 8.00
C LYS A 14 9.56 5.00 7.32
N ASN A 15 8.77 5.70 6.54
CA ASN A 15 9.23 6.88 5.83
C ASN A 15 8.99 8.15 6.66
N GLN A 16 9.34 9.28 6.06
CA GLN A 16 9.23 10.60 6.69
C GLN A 16 7.81 10.94 7.18
N TYR A 17 6.80 10.41 6.49
CA TYR A 17 5.40 10.72 6.82
C TYR A 17 4.89 9.87 7.95
N GLY A 18 5.68 8.90 8.37
CA GLY A 18 5.26 7.99 9.40
C GLY A 18 4.48 6.85 8.81
N THR A 19 4.65 6.66 7.53
CA THR A 19 4.03 5.59 6.81
C THR A 19 5.02 4.44 6.72
N TRP A 20 4.57 3.26 7.03
CA TRP A 20 5.40 2.11 6.93
C TRP A 20 5.28 1.59 5.53
N TYR A 21 6.37 1.26 4.93
CA TYR A 21 6.37 0.80 3.59
C TYR A 21 7.40 -0.30 3.43
N LYS A 22 7.32 -0.96 2.33
CA LYS A 22 8.31 -1.89 1.92
C LYS A 22 8.29 -1.95 0.42
N PRO A 23 9.44 -2.01 -0.19
CA PRO A 23 9.56 -2.17 -1.63
C PRO A 23 9.28 -3.62 -2.01
N GLU A 24 8.21 -3.84 -2.70
CA GLU A 24 7.84 -5.17 -3.07
C GLU A 24 7.17 -5.13 -4.43
N ASN A 25 7.69 -5.88 -5.36
CA ASN A 25 7.16 -5.85 -6.70
C ASN A 25 6.30 -7.06 -6.90
N ALA A 26 5.02 -6.84 -6.92
CA ALA A 26 4.09 -7.93 -7.04
C ALA A 26 2.90 -7.51 -7.85
N THR A 27 2.12 -8.46 -8.23
CA THR A 27 0.94 -8.21 -8.97
C THR A 27 -0.28 -8.40 -8.08
N PHE A 28 -1.03 -7.37 -7.93
CA PHE A 28 -2.22 -7.39 -7.17
C PHE A 28 -3.38 -7.54 -8.11
N VAL A 29 -4.04 -8.64 -7.97
CA VAL A 29 -5.20 -8.92 -8.76
C VAL A 29 -6.37 -8.54 -7.93
N ASN A 30 -7.05 -7.50 -8.31
CA ASN A 30 -8.20 -7.04 -7.54
C ASN A 30 -9.32 -8.08 -7.63
N GLY A 31 -9.98 -8.30 -6.52
CA GLY A 31 -10.99 -9.31 -6.44
C GLY A 31 -12.29 -8.93 -7.11
N ASN A 32 -13.36 -8.99 -6.36
CA ASN A 32 -14.69 -8.82 -6.93
C ASN A 32 -15.30 -7.51 -6.58
N GLN A 33 -14.49 -6.63 -6.13
CA GLN A 33 -14.92 -5.33 -5.72
C GLN A 33 -13.97 -4.24 -6.23
N PRO A 34 -14.51 -3.15 -6.78
CA PRO A 34 -13.69 -2.03 -7.22
C PRO A 34 -13.14 -1.27 -6.01
N ILE A 35 -11.90 -0.85 -6.09
CA ILE A 35 -11.26 -0.24 -4.94
C ILE A 35 -10.93 1.23 -5.24
N VAL A 36 -11.10 2.09 -4.26
CA VAL A 36 -10.83 3.52 -4.43
C VAL A 36 -9.31 3.80 -4.34
N THR A 37 -8.71 4.23 -5.43
CA THR A 37 -7.27 4.47 -5.48
C THR A 37 -6.92 5.94 -5.18
N ARG A 38 -5.75 6.17 -4.63
CA ARG A 38 -5.32 7.51 -4.21
C ARG A 38 -4.05 7.87 -4.93
N ILE A 39 -3.69 9.13 -4.90
CA ILE A 39 -2.50 9.58 -5.57
C ILE A 39 -1.58 10.36 -4.63
N GLY A 40 -0.30 10.04 -4.69
CA GLY A 40 0.73 10.75 -3.97
C GLY A 40 0.96 10.19 -2.61
N SER A 41 -0.09 9.96 -1.94
CA SER A 41 -0.08 9.58 -0.55
C SER A 41 -1.07 8.45 -0.27
N PRO A 42 -0.72 7.50 0.61
CA PRO A 42 -1.60 6.42 0.99
C PRO A 42 -2.50 6.79 2.18
N PHE A 43 -3.52 7.58 1.90
CA PHE A 43 -4.46 8.02 2.92
C PHE A 43 -5.85 8.04 2.34
N LEU A 44 -6.84 7.97 3.19
CA LEU A 44 -8.23 8.06 2.77
C LEU A 44 -8.55 9.52 2.49
N ASN A 45 -7.72 10.37 3.05
CA ASN A 45 -7.83 11.81 2.91
C ASN A 45 -6.93 12.31 1.78
N ALA A 46 -6.36 11.38 1.05
CA ALA A 46 -5.50 11.70 -0.08
C ALA A 46 -6.35 11.89 -1.31
N PRO A 47 -5.87 12.65 -2.32
CA PRO A 47 -6.60 12.84 -3.56
C PRO A 47 -6.89 11.51 -4.24
N VAL A 48 -8.09 11.35 -4.71
CA VAL A 48 -8.51 10.13 -5.32
C VAL A 48 -8.12 10.11 -6.80
N GLY A 49 -7.58 9.00 -7.23
CA GLY A 49 -7.18 8.87 -8.61
C GLY A 49 -8.28 8.27 -9.43
N GLY A 50 -9.17 7.61 -8.77
CA GLY A 50 -10.25 6.93 -9.43
C GLY A 50 -10.49 5.63 -8.74
N ASN A 51 -11.37 4.84 -9.25
CA ASN A 51 -11.60 3.52 -8.69
C ASN A 51 -10.94 2.50 -9.57
N LEU A 52 -10.34 1.53 -8.95
CA LEU A 52 -9.74 0.44 -9.64
C LEU A 52 -10.81 -0.57 -9.90
N PRO A 53 -10.99 -0.97 -11.16
CA PRO A 53 -11.96 -1.96 -11.51
C PRO A 53 -11.69 -3.31 -10.84
N ALA A 54 -12.74 -4.05 -10.59
CA ALA A 54 -12.62 -5.37 -10.04
C ALA A 54 -12.03 -6.27 -11.11
N GLY A 55 -11.03 -7.04 -10.75
CA GLY A 55 -10.39 -7.91 -11.71
C GLY A 55 -9.18 -7.29 -12.39
N ALA A 56 -8.85 -6.08 -12.01
CA ALA A 56 -7.70 -5.42 -12.61
C ALA A 56 -6.42 -5.95 -11.97
N THR A 57 -5.44 -6.20 -12.79
CA THR A 57 -4.17 -6.65 -12.34
C THR A 57 -3.20 -5.47 -12.23
N ILE A 58 -2.79 -5.20 -11.03
CA ILE A 58 -1.90 -4.10 -10.73
C ILE A 58 -0.50 -4.60 -10.47
N VAL A 59 0.46 -4.01 -11.10
CA VAL A 59 1.82 -4.32 -10.78
C VAL A 59 2.29 -3.20 -9.88
N TYR A 60 2.61 -3.53 -8.66
CA TYR A 60 3.02 -2.51 -7.72
C TYR A 60 4.44 -2.71 -7.32
N ASP A 61 5.05 -1.69 -6.77
CA ASP A 61 6.44 -1.79 -6.36
C ASP A 61 6.60 -1.52 -4.89
N GLU A 62 5.52 -1.27 -4.21
CA GLU A 62 5.62 -0.93 -2.82
C GLU A 62 4.34 -1.27 -2.10
N VAL A 63 4.45 -1.56 -0.84
CA VAL A 63 3.32 -1.78 0.02
C VAL A 63 3.47 -0.82 1.17
N CYS A 64 2.42 -0.13 1.51
CA CYS A 64 2.45 0.81 2.60
C CYS A 64 1.35 0.52 3.60
N ILE A 65 1.52 1.02 4.80
CA ILE A 65 0.51 0.90 5.84
C ILE A 65 0.24 2.27 6.42
N GLN A 66 -1.00 2.67 6.36
CA GLN A 66 -1.44 3.96 6.88
C GLN A 66 -2.95 4.00 6.85
N ALA A 67 -3.54 4.75 7.78
CA ALA A 67 -5.00 4.95 7.86
C ALA A 67 -5.72 3.62 8.13
N GLY A 68 -5.04 2.73 8.84
CA GLY A 68 -5.57 1.42 9.18
C GLY A 68 -5.67 0.49 7.99
N HIS A 69 -5.12 0.92 6.88
CA HIS A 69 -5.17 0.15 5.67
C HIS A 69 -3.78 -0.17 5.18
N ILE A 70 -3.70 -1.20 4.40
CA ILE A 70 -2.49 -1.55 3.73
C ILE A 70 -2.68 -1.15 2.28
N TRP A 71 -1.70 -0.54 1.71
CA TRP A 71 -1.80 0.05 0.41
C TRP A 71 -0.72 -0.46 -0.46
N ILE A 72 -0.94 -0.42 -1.72
CA ILE A 72 0.08 -0.74 -2.67
C ILE A 72 0.45 0.49 -3.43
N GLY A 73 1.72 0.69 -3.58
CA GLY A 73 2.22 1.84 -4.26
C GLY A 73 2.67 1.48 -5.63
N TYR A 74 2.07 2.10 -6.59
CA TYR A 74 2.44 1.91 -7.96
C TYR A 74 2.35 3.22 -8.68
N ASN A 75 2.79 3.26 -9.88
CA ASN A 75 2.75 4.47 -10.64
C ASN A 75 1.78 4.35 -11.76
N ALA A 76 1.13 5.43 -12.06
CA ALA A 76 0.25 5.47 -13.20
C ALA A 76 1.06 5.97 -14.37
N TYR A 77 0.47 5.91 -15.54
CA TYR A 77 1.12 6.31 -16.78
C TYR A 77 1.50 7.82 -16.78
N ASN A 78 0.85 8.59 -15.94
CA ASN A 78 1.13 10.03 -15.85
C ASN A 78 2.20 10.29 -14.80
N GLY A 79 2.72 9.23 -14.20
CA GLY A 79 3.73 9.40 -13.18
C GLY A 79 3.13 9.57 -11.80
N ASN A 80 1.83 9.36 -11.70
CA ASN A 80 1.11 9.52 -10.44
C ASN A 80 1.47 8.40 -9.51
N ARG A 81 1.65 8.70 -8.23
CA ARG A 81 1.90 7.66 -7.27
C ARG A 81 0.57 7.16 -6.80
N VAL A 82 0.12 6.10 -7.35
CA VAL A 82 -1.18 5.65 -7.03
C VAL A 82 -1.12 4.60 -5.95
N TYR A 83 -1.93 4.80 -4.96
CA TYR A 83 -2.03 3.90 -3.86
C TYR A 83 -3.40 3.29 -3.80
N CYS A 84 -3.43 2.00 -3.82
CA CYS A 84 -4.66 1.28 -3.74
C CYS A 84 -4.68 0.53 -2.42
N PRO A 85 -5.73 0.66 -1.63
CA PRO A 85 -5.86 -0.09 -0.41
C PRO A 85 -6.20 -1.53 -0.76
N VAL A 86 -5.46 -2.44 -0.22
CA VAL A 86 -5.63 -3.82 -0.58
C VAL A 86 -6.14 -4.67 0.55
N ARG A 87 -6.13 -4.13 1.76
CA ARG A 87 -6.58 -4.83 2.95
C ARG A 87 -6.45 -3.88 4.12
N THR A 88 -6.88 -4.32 5.26
CA THR A 88 -6.81 -3.53 6.45
C THR A 88 -5.60 -3.93 7.27
N CYS A 89 -5.21 -3.11 8.21
CA CYS A 89 -4.14 -3.39 9.12
C CYS A 89 -4.43 -2.75 10.44
N GLN A 90 -4.60 -3.56 11.44
CA GLN A 90 -4.83 -3.08 12.76
C GLN A 90 -3.48 -2.74 13.37
N GLY A 91 -3.17 -1.49 13.45
CA GLY A 91 -1.93 -1.06 14.01
C GLY A 91 -0.84 -0.94 12.97
N VAL A 92 0.37 -0.75 13.43
CA VAL A 92 1.52 -0.62 12.57
C VAL A 92 2.54 -1.68 12.91
N PRO A 93 3.36 -2.09 11.93
CA PRO A 93 4.37 -3.13 12.12
C PRO A 93 5.44 -2.73 13.16
N PRO A 94 6.29 -3.68 13.65
CA PRO A 94 6.35 -5.08 13.17
C PRO A 94 5.10 -5.88 13.52
N ASN A 95 4.38 -5.45 14.55
CA ASN A 95 3.18 -6.13 14.92
C ASN A 95 2.03 -5.49 14.19
N GLN A 96 1.89 -5.85 12.95
CA GLN A 96 0.80 -5.38 12.15
C GLN A 96 -0.20 -6.49 12.10
N ILE A 97 -1.42 -6.18 11.92
CA ILE A 97 -2.45 -7.18 11.82
C ILE A 97 -3.22 -6.97 10.55
N PRO A 98 -2.77 -7.59 9.47
CA PRO A 98 -3.39 -7.45 8.17
C PRO A 98 -4.69 -8.26 8.05
N GLY A 99 -5.75 -7.59 7.66
CA GLY A 99 -7.02 -8.24 7.49
C GLY A 99 -7.08 -9.00 6.18
N VAL A 100 -8.27 -9.37 5.76
CA VAL A 100 -8.43 -10.12 4.53
C VAL A 100 -8.07 -9.24 3.34
N ALA A 101 -7.40 -9.82 2.38
CA ALA A 101 -6.99 -9.12 1.20
C ALA A 101 -8.13 -8.98 0.24
N TRP A 102 -8.19 -7.86 -0.42
CA TRP A 102 -9.23 -7.56 -1.37
C TRP A 102 -8.83 -8.04 -2.77
N GLY A 103 -7.83 -8.89 -2.80
CA GLY A 103 -7.36 -9.45 -4.02
C GLY A 103 -6.22 -10.40 -3.79
N VAL A 104 -5.49 -10.69 -4.82
CA VAL A 104 -4.38 -11.62 -4.77
C VAL A 104 -3.10 -10.83 -4.88
N PHE A 105 -2.03 -11.38 -4.36
CA PHE A 105 -0.75 -10.79 -4.43
C PHE A 105 0.19 -11.79 -5.05
N LYS A 106 0.50 -11.61 -6.28
CA LYS A 106 1.40 -12.48 -6.98
C LYS A 106 2.80 -11.96 -6.86
#